data_9E60
#
_entry.id   9E60
#
_cell.length_a   1.00
_cell.length_b   1.00
_cell.length_c   1.00
_cell.angle_alpha   90.00
_cell.angle_beta   90.00
_cell.angle_gamma   90.00
#
_symmetry.space_group_name_H-M   'P 1'
#
loop_
_entity.id
_entity.type
_entity.pdbx_description
1 polymer 'Capsid protein 2'
2 polymer 'Heavy chain antibody fragment'
3 polymer 'Light chain antibody fragment'
#
loop_
_entity_poly.entity_id
_entity_poly.type
_entity_poly.pdbx_seq_one_letter_code
_entity_poly.pdbx_strand_id
1 'polypeptide(L)'
;GVGISTGTFNNQTEFKFLENGWVYITANSSRLVHLNMPESENYRRVVVNNLDKTAVNGNMALDDTHAEIVTPWSLVDANA
WGVWFNPGDWQLIVNTMSELHLVSFEQEIFNVVLKTVSESATQPPTKVYNNDLTASLMVALDSNNTMPFTPAAMRSETLG
FYPWKPTIPTPWRYYFQWDRTLIPSHTGTSGTPTNIYHGTDPDDVQFYTIENSVPVHLLRTGDEFATGTFFFDCKPCRLT
HTWQTNRALGLPPFLNSLPQSEGGTNFGYIGVQQDKRRGVTQMGNTNYITEATIMRPAEVGYSAPYYSFEASTQGPFKTP
IAAGRGGAQTDENQAADGDPRYAFGRQHGQKTTTTGETPERFTYIAHQDTGRYPEGDWIQNINFNLPVTDDNVLLPTDPI
GGKTGINYTNIFNTYGPLTALNNVPPVYPNGQIWDKEFDTDLKPRLHVNAPFVCQNNCPGQLFVKVAPNLTNQYDPDASA
NMSRIVTYSDFWWKGKLVFKAKLRASHTWNPIQQMSINVDNQFNYVPSNIGGMKIVYEKSQLAPRKLY
;
A
2 'polypeptide(L)'
;EVQLVESGGDLVKPGGSLRLSCVASGFTFSSYNMGWVRQAPGKGLQWVAWIYGSRSSTNYADAVKGRFTISRDNAKNTLY
LQMNSLRAEDTAVYYCARDGGSPAAYYGMDYWGPGTSLFVSS
;
H
3 'polypeptide(L)'
;QTVVTQEPSLSVSPGGTVTLTCGLSSGSVSTSNYPGWYQQTLGRAPRTIIYRTSSRPSGVPNRFSGSISGNKAALTITGA
QPEDEADYYCSLYMGSYTYVFGSGTQLTVL
;
L
#
# COMPACT_ATOMS: atom_id res chain seq x y z
N GLY A 1 -38.65 -8.83 31.29
CA GLY A 1 -39.61 -7.69 31.32
C GLY A 1 -38.93 -6.34 31.44
N VAL A 2 -39.70 -5.32 31.82
CA VAL A 2 -39.15 -3.97 31.93
C VAL A 2 -38.19 -3.87 33.11
N GLY A 3 -38.58 -4.44 34.26
CA GLY A 3 -37.79 -4.28 35.47
C GLY A 3 -37.02 -5.53 35.87
N ILE A 4 -36.69 -6.38 34.90
CA ILE A 4 -35.95 -7.60 35.15
C ILE A 4 -34.66 -7.57 34.33
N SER A 5 -33.54 -7.83 35.01
CA SER A 5 -32.26 -7.91 34.31
C SER A 5 -32.14 -9.24 33.57
N THR A 6 -31.46 -9.18 32.43
CA THR A 6 -31.32 -10.34 31.56
C THR A 6 -29.88 -10.86 31.48
N GLY A 7 -29.01 -10.41 32.37
CA GLY A 7 -27.63 -10.87 32.36
C GLY A 7 -26.87 -10.36 33.55
N THR A 8 -25.63 -10.83 33.67
CA THR A 8 -24.75 -10.49 34.78
C THR A 8 -23.44 -9.95 34.24
N PHE A 9 -22.87 -8.99 34.96
CA PHE A 9 -21.57 -8.43 34.59
C PHE A 9 -20.46 -9.36 35.05
N ASN A 10 -19.61 -9.78 34.13
CA ASN A 10 -18.49 -10.66 34.44
C ASN A 10 -17.28 -10.21 33.64
N ASN A 11 -16.20 -9.87 34.34
CA ASN A 11 -14.96 -9.44 33.70
C ASN A 11 -13.76 -10.11 34.37
N GLN A 12 -13.93 -11.36 34.77
CA GLN A 12 -12.90 -12.11 35.48
C GLN A 12 -12.19 -13.06 34.53
N THR A 13 -10.89 -13.20 34.71
CA THR A 13 -10.09 -14.18 33.99
C THR A 13 -9.78 -15.34 34.93
N GLU A 14 -10.14 -16.55 34.51
CA GLU A 14 -9.93 -17.76 35.30
C GLU A 14 -8.85 -18.61 34.65
N PHE A 15 -7.92 -19.09 35.48
CA PHE A 15 -6.83 -19.98 35.08
C PHE A 15 -7.07 -21.32 35.74
N LYS A 16 -7.70 -22.25 35.02
CA LYS A 16 -7.99 -23.58 35.55
C LYS A 16 -6.87 -24.51 35.09
N PHE A 17 -6.05 -24.96 36.03
CA PHE A 17 -4.87 -25.74 35.69
C PHE A 17 -5.22 -27.20 35.49
N LEU A 18 -4.75 -27.78 34.39
CA LEU A 18 -5.02 -29.16 34.04
C LEU A 18 -3.80 -30.02 34.37
N GLU A 19 -3.94 -31.32 34.14
CA GLU A 19 -2.81 -32.23 34.25
C GLU A 19 -1.88 -32.07 33.06
N ASN A 20 -0.62 -32.45 33.26
CA ASN A 20 0.40 -32.41 32.23
C ASN A 20 0.75 -30.97 31.82
N GLY A 21 0.63 -30.03 32.75
CA GLY A 21 1.11 -28.68 32.52
C GLY A 21 0.26 -27.83 31.60
N TRP A 22 -1.01 -28.16 31.42
CA TRP A 22 -1.91 -27.38 30.59
C TRP A 22 -2.88 -26.60 31.47
N VAL A 23 -3.29 -25.43 30.99
CA VAL A 23 -4.19 -24.55 31.71
C VAL A 23 -5.22 -23.99 30.74
N TYR A 24 -6.49 -24.02 31.15
CA TYR A 24 -7.56 -23.33 30.44
C TYR A 24 -7.65 -21.90 30.97
N ILE A 25 -7.49 -20.93 30.08
CA ILE A 25 -7.55 -19.52 30.42
C ILE A 25 -8.85 -18.97 29.84
N THR A 26 -9.86 -18.78 30.67
CA THR A 26 -11.14 -18.24 30.23
C THR A 26 -11.20 -16.78 30.68
N ALA A 27 -11.12 -15.88 29.71
CA ALA A 27 -11.19 -14.45 29.96
C ALA A 27 -12.61 -13.97 29.72
N ASN A 28 -13.21 -13.38 30.76
CA ASN A 28 -14.52 -12.77 30.65
C ASN A 28 -14.36 -11.26 30.51
N SER A 29 -15.14 -10.67 29.62
CA SER A 29 -15.06 -9.24 29.36
C SER A 29 -16.46 -8.67 29.27
N SER A 30 -16.76 -7.71 30.14
CA SER A 30 -18.07 -7.06 30.17
C SER A 30 -17.88 -5.57 29.94
N ARG A 31 -18.74 -5.01 29.09
CA ARG A 31 -18.68 -3.60 28.73
C ARG A 31 -20.07 -3.03 28.69
N LEU A 32 -20.18 -1.73 28.99
CA LEU A 32 -21.40 -0.97 28.72
C LEU A 32 -21.21 -0.25 27.38
N VAL A 33 -22.06 -0.58 26.42
CA VAL A 33 -21.94 -0.10 25.05
C VAL A 33 -23.03 0.92 24.80
N HIS A 34 -22.62 2.12 24.39
CA HIS A 34 -23.51 3.21 24.04
C HIS A 34 -23.60 3.32 22.52
N LEU A 35 -24.82 3.39 22.00
CA LEU A 35 -25.07 3.40 20.56
C LEU A 35 -26.03 4.53 20.25
N ASN A 36 -25.71 5.33 19.25
CA ASN A 36 -26.62 6.35 18.76
C ASN A 36 -27.30 5.86 17.49
N MET A 37 -28.52 6.37 17.26
CA MET A 37 -29.21 6.03 16.03
C MET A 37 -28.41 6.54 14.83
N PRO A 38 -28.38 5.78 13.74
CA PRO A 38 -27.47 6.13 12.64
C PRO A 38 -27.77 7.51 12.07
N GLU A 39 -26.71 8.18 11.61
CA GLU A 39 -26.87 9.47 10.96
C GLU A 39 -27.82 9.37 9.78
N SER A 40 -27.69 8.31 8.99
CA SER A 40 -28.58 8.03 7.88
C SER A 40 -29.04 6.59 7.97
N GLU A 41 -30.29 6.35 7.58
CA GLU A 41 -30.87 5.01 7.56
C GLU A 41 -30.58 4.26 6.27
N ASN A 42 -29.84 4.87 5.34
CA ASN A 42 -29.59 4.30 4.03
C ASN A 42 -28.15 3.82 3.92
N TYR A 43 -27.92 3.00 2.89
CA TYR A 43 -26.57 2.63 2.49
C TYR A 43 -26.07 3.64 1.47
N ARG A 44 -24.83 4.10 1.64
CA ARG A 44 -24.23 5.10 0.76
C ARG A 44 -22.99 4.52 0.11
N ARG A 45 -22.79 4.82 -1.17
CA ARG A 45 -21.58 4.44 -1.89
C ARG A 45 -20.73 5.69 -2.04
N VAL A 46 -19.77 5.87 -1.12
CA VAL A 46 -19.02 7.10 -1.00
C VAL A 46 -17.61 6.87 -1.55
N VAL A 47 -17.18 7.76 -2.44
CA VAL A 47 -15.83 7.72 -3.00
C VAL A 47 -14.99 8.75 -2.26
N VAL A 48 -14.00 8.28 -1.50
CA VAL A 48 -13.03 9.14 -0.84
C VAL A 48 -11.89 9.38 -1.81
N ASN A 49 -11.62 10.65 -2.09
CA ASN A 49 -10.64 11.04 -3.10
C ASN A 49 -9.77 12.15 -2.54
N ASN A 50 -8.45 11.94 -2.55
CA ASN A 50 -7.48 12.91 -2.07
C ASN A 50 -6.42 13.18 -3.14
N LEU A 51 -6.87 13.35 -4.38
CA LEU A 51 -5.94 13.61 -5.47
C LEU A 51 -5.11 14.85 -5.23
N ASP A 52 -5.60 15.78 -4.40
CA ASP A 52 -4.82 16.97 -4.09
C ASP A 52 -3.53 16.59 -3.36
N LYS A 53 -3.60 15.64 -2.43
CA LYS A 53 -2.41 15.26 -1.67
C LYS A 53 -1.38 14.56 -2.56
N THR A 54 -1.84 13.61 -3.36
CA THR A 54 -0.92 12.84 -4.21
C THR A 54 -0.52 13.57 -5.47
N ALA A 55 -1.16 14.71 -5.79
CA ALA A 55 -0.72 15.51 -6.91
C ALA A 55 0.63 16.16 -6.64
N VAL A 56 1.03 16.24 -5.38
CA VAL A 56 2.37 16.69 -5.04
C VAL A 56 3.35 15.57 -5.36
N ASN A 57 4.34 15.87 -6.18
CA ASN A 57 5.27 14.84 -6.61
C ASN A 57 6.03 14.27 -5.42
N GLY A 58 6.08 12.95 -5.33
CA GLY A 58 6.70 12.26 -4.22
C GLY A 58 5.78 11.90 -3.08
N ASN A 59 4.49 12.25 -3.17
CA ASN A 59 3.52 11.96 -2.13
C ASN A 59 2.62 10.78 -2.47
N MET A 60 3.02 9.96 -3.44
CA MET A 60 2.17 8.86 -3.88
C MET A 60 1.93 7.86 -2.76
N ALA A 61 2.82 7.81 -1.76
CA ALA A 61 2.62 6.90 -0.63
C ALA A 61 1.47 7.34 0.26
N LEU A 62 1.00 8.58 0.13
CA LEU A 62 -0.10 9.10 0.92
C LEU A 62 -1.45 8.94 0.22
N ASP A 63 -1.55 8.01 -0.74
CA ASP A 63 -2.78 7.83 -1.47
C ASP A 63 -3.86 7.26 -0.55
N ASP A 64 -5.03 7.92 -0.55
CA ASP A 64 -6.18 7.45 0.22
C ASP A 64 -7.41 7.22 -0.66
N THR A 65 -7.26 7.34 -1.98
CA THR A 65 -8.39 7.15 -2.87
C THR A 65 -8.97 5.76 -2.70
N HIS A 66 -10.29 5.69 -2.50
CA HIS A 66 -10.97 4.40 -2.39
C HIS A 66 -12.47 4.65 -2.43
N ALA A 67 -13.24 3.58 -2.42
CA ALA A 67 -14.69 3.63 -2.41
C ALA A 67 -15.19 2.71 -1.31
N GLU A 68 -16.13 3.18 -0.51
CA GLU A 68 -16.69 2.37 0.55
C GLU A 68 -18.20 2.49 0.59
N ILE A 69 -18.84 1.37 0.91
CA ILE A 69 -20.24 1.34 1.29
C ILE A 69 -20.31 1.66 2.78
N VAL A 70 -20.96 2.77 3.10
CA VAL A 70 -21.25 3.19 4.47
C VAL A 70 -22.65 2.68 4.79
N THR A 71 -22.75 1.89 5.84
CA THR A 71 -23.99 1.25 6.24
C THR A 71 -24.56 1.92 7.48
N PRO A 72 -25.87 1.79 7.72
CA PRO A 72 -26.45 2.33 8.96
C PRO A 72 -26.17 1.48 10.19
N TRP A 73 -25.44 0.39 10.06
CA TRP A 73 -25.16 -0.49 11.18
C TRP A 73 -23.81 -0.17 11.81
N SER A 74 -23.65 -0.59 13.05
CA SER A 74 -22.41 -0.44 13.79
C SER A 74 -21.88 -1.83 14.15
N LEU A 75 -20.56 -1.94 14.23
CA LEU A 75 -19.89 -3.22 14.45
C LEU A 75 -19.42 -3.32 15.89
N VAL A 76 -19.78 -4.41 16.56
CA VAL A 76 -19.29 -4.73 17.89
C VAL A 76 -18.13 -5.69 17.72
N ASP A 77 -16.91 -5.22 17.97
CA ASP A 77 -15.70 -6.00 17.75
C ASP A 77 -14.89 -6.07 19.03
N ALA A 78 -14.56 -7.31 19.44
CA ALA A 78 -13.74 -7.55 20.62
C ALA A 78 -12.46 -8.29 20.26
N ASN A 79 -11.97 -8.12 19.03
CA ASN A 79 -10.82 -8.88 18.54
C ASN A 79 -9.54 -8.10 18.80
N ALA A 80 -9.27 -7.88 20.09
CA ALA A 80 -8.04 -7.23 20.53
C ALA A 80 -7.66 -7.79 21.89
N TRP A 81 -6.35 -7.84 22.15
CA TRP A 81 -5.88 -8.44 23.39
C TRP A 81 -6.32 -7.63 24.61
N GLY A 82 -6.36 -6.31 24.48
CA GLY A 82 -6.72 -5.47 25.61
C GLY A 82 -8.17 -5.62 26.05
N VAL A 83 -9.05 -6.08 25.16
CA VAL A 83 -10.43 -6.30 25.53
C VAL A 83 -10.58 -7.44 26.53
N TRP A 84 -9.57 -8.30 26.65
CA TRP A 84 -9.70 -9.55 27.38
C TRP A 84 -8.77 -9.68 28.57
N PHE A 85 -7.59 -9.05 28.54
CA PHE A 85 -6.59 -9.22 29.58
C PHE A 85 -6.12 -7.87 30.08
N ASN A 86 -5.91 -7.78 31.39
CA ASN A 86 -5.25 -6.64 32.01
C ASN A 86 -3.76 -6.94 32.16
N PRO A 87 -2.96 -5.94 32.50
CA PRO A 87 -1.50 -6.18 32.56
C PRO A 87 -1.09 -7.32 33.46
N GLY A 88 -1.78 -7.56 34.57
CA GLY A 88 -1.43 -8.68 35.43
C GLY A 88 -1.68 -10.03 34.76
N ASP A 89 -2.83 -10.18 34.11
CA ASP A 89 -3.13 -11.42 33.39
C ASP A 89 -2.12 -11.64 32.28
N TRP A 90 -1.80 -10.59 31.52
CA TRP A 90 -0.82 -10.72 30.46
C TRP A 90 0.56 -11.09 31.00
N GLN A 91 0.94 -10.49 32.14
CA GLN A 91 2.21 -10.86 32.76
C GLN A 91 2.23 -12.33 33.12
N LEU A 92 1.16 -12.81 33.77
CA LEU A 92 1.11 -14.23 34.10
C LEU A 92 1.24 -15.09 32.86
N ILE A 93 0.50 -14.74 31.80
CA ILE A 93 0.51 -15.55 30.57
C ILE A 93 1.90 -15.58 29.97
N VAL A 94 2.52 -14.41 29.80
CA VAL A 94 3.77 -14.34 29.06
C VAL A 94 4.94 -14.84 29.89
N ASN A 95 4.80 -14.88 31.22
CA ASN A 95 5.89 -15.34 32.06
C ASN A 95 5.82 -16.82 32.37
N THR A 96 4.63 -17.37 32.58
CA THR A 96 4.49 -18.76 33.02
C THR A 96 4.14 -19.72 31.90
N MET A 97 3.86 -19.24 30.69
CA MET A 97 3.38 -20.08 29.60
C MET A 97 4.33 -19.99 28.41
N SER A 98 4.42 -21.10 27.68
CA SER A 98 5.29 -21.22 26.51
C SER A 98 4.54 -21.20 25.19
N GLU A 99 3.27 -21.63 25.17
CA GLU A 99 2.48 -21.62 23.95
C GLU A 99 1.04 -21.35 24.32
N LEU A 100 0.29 -20.82 23.36
CA LEU A 100 -1.10 -20.40 23.58
C LEU A 100 -1.97 -20.94 22.45
N HIS A 101 -3.14 -21.46 22.83
CA HIS A 101 -4.12 -21.95 21.88
C HIS A 101 -5.40 -21.12 22.02
N LEU A 102 -6.07 -20.88 20.90
CA LEU A 102 -7.35 -20.19 20.88
C LEU A 102 -8.46 -21.24 20.84
N VAL A 103 -9.22 -21.35 21.92
CA VAL A 103 -10.18 -22.46 22.06
C VAL A 103 -11.55 -22.04 21.57
N SER A 104 -12.16 -21.03 22.19
CA SER A 104 -13.54 -20.72 21.85
C SER A 104 -13.85 -19.26 22.13
N PHE A 105 -14.98 -18.80 21.57
CA PHE A 105 -15.45 -17.44 21.74
C PHE A 105 -16.97 -17.43 21.89
N GLU A 106 -17.46 -16.62 22.83
CA GLU A 106 -18.87 -16.37 23.02
C GLU A 106 -19.08 -14.88 23.23
N GLN A 107 -20.24 -14.39 22.82
CA GLN A 107 -20.63 -13.01 23.14
C GLN A 107 -22.14 -12.95 23.25
N GLU A 108 -22.61 -11.95 24.00
CA GLU A 108 -24.04 -11.77 24.24
C GLU A 108 -24.32 -10.33 24.60
N ILE A 109 -25.55 -9.90 24.31
CA ILE A 109 -26.04 -8.57 24.62
C ILE A 109 -27.21 -8.70 25.57
N PHE A 110 -27.21 -7.91 26.64
CA PHE A 110 -28.26 -7.98 27.64
C PHE A 110 -28.49 -6.59 28.22
N ASN A 111 -29.48 -6.51 29.11
CA ASN A 111 -29.87 -5.26 29.78
C ASN A 111 -29.95 -4.12 28.77
N VAL A 112 -30.72 -4.35 27.71
CA VAL A 112 -30.91 -3.34 26.68
C VAL A 112 -31.76 -2.20 27.24
N VAL A 113 -31.29 -0.97 27.04
CA VAL A 113 -32.04 0.23 27.43
C VAL A 113 -32.09 1.14 26.23
N LEU A 114 -33.28 1.64 25.91
CA LEU A 114 -33.47 2.58 24.82
C LEU A 114 -34.11 3.85 25.36
N LYS A 115 -33.49 4.99 25.07
CA LYS A 115 -33.95 6.28 25.56
C LYS A 115 -34.11 7.25 24.41
N THR A 116 -35.19 8.02 24.46
CA THR A 116 -35.45 9.11 23.55
C THR A 116 -35.10 10.43 24.22
N VAL A 117 -34.66 11.39 23.41
CA VAL A 117 -34.22 12.69 23.89
C VAL A 117 -35.22 13.73 23.45
N SER A 118 -35.77 14.48 24.41
CA SER A 118 -36.68 15.59 24.13
C SER A 118 -35.94 16.89 24.44
N GLU A 119 -35.78 17.73 23.43
CA GLU A 119 -35.08 19.00 23.55
C GLU A 119 -36.09 20.14 23.55
N SER A 120 -36.01 21.00 24.56
CA SER A 120 -36.97 22.08 24.71
C SER A 120 -36.62 23.23 23.78
N ALA A 121 -37.61 24.11 23.58
CA ALA A 121 -37.43 25.30 22.75
C ALA A 121 -36.83 26.47 23.52
N THR A 122 -36.55 26.31 24.81
CA THR A 122 -35.96 27.39 25.59
C THR A 122 -34.61 27.79 25.00
N GLN A 123 -34.33 29.08 25.02
CA GLN A 123 -33.12 29.59 24.36
C GLN A 123 -31.86 28.95 24.90
N PRO A 124 -31.60 28.93 26.21
CA PRO A 124 -30.50 28.12 26.72
C PRO A 124 -30.81 26.64 26.57
N PRO A 125 -29.89 25.84 26.04
CA PRO A 125 -30.20 24.43 25.80
C PRO A 125 -30.62 23.71 27.09
N THR A 126 -31.60 22.85 26.95
CA THR A 126 -32.07 22.01 28.05
C THR A 126 -32.84 20.84 27.45
N LYS A 127 -32.63 19.65 28.00
CA LYS A 127 -33.17 18.45 27.40
C LYS A 127 -33.43 17.41 28.48
N VAL A 128 -34.34 16.48 28.16
CA VAL A 128 -34.70 15.40 29.06
C VAL A 128 -34.61 14.09 28.31
N TYR A 129 -34.44 12.99 29.05
CA TYR A 129 -34.25 11.67 28.49
C TYR A 129 -35.31 10.74 29.07
N ASN A 130 -36.11 10.14 28.19
CA ASN A 130 -37.22 9.29 28.60
C ASN A 130 -37.00 7.88 28.10
N ASN A 131 -37.37 6.89 28.93
CA ASN A 131 -37.26 5.51 28.51
C ASN A 131 -38.32 5.17 27.47
N ASP A 132 -37.89 4.63 26.33
CA ASP A 132 -38.80 4.16 25.29
C ASP A 132 -38.91 2.66 25.45
N LEU A 133 -39.88 2.22 26.24
CA LEU A 133 -39.99 0.82 26.61
C LEU A 133 -40.34 -0.07 25.43
N THR A 134 -40.98 0.48 24.39
CA THR A 134 -41.35 -0.27 23.21
C THR A 134 -40.36 -0.14 22.07
N ALA A 135 -39.32 0.67 22.23
CA ALA A 135 -38.29 0.79 21.20
C ALA A 135 -37.48 -0.50 21.14
N SER A 136 -36.86 -0.73 19.99
CA SER A 136 -36.14 -1.96 19.71
C SER A 136 -34.71 -1.67 19.25
N LEU A 137 -33.83 -2.62 19.52
CA LEU A 137 -32.46 -2.62 19.04
C LEU A 137 -32.31 -3.77 18.06
N MET A 138 -31.85 -3.47 16.85
CA MET A 138 -31.67 -4.47 15.80
C MET A 138 -30.28 -5.08 15.95
N VAL A 139 -30.22 -6.40 16.13
CA VAL A 139 -28.98 -7.13 16.32
C VAL A 139 -28.88 -8.22 15.28
N ALA A 140 -27.78 -8.23 14.52
CA ALA A 140 -27.56 -9.22 13.48
C ALA A 140 -26.22 -9.90 13.70
N LEU A 141 -26.26 -11.23 13.80
CA LEU A 141 -25.05 -12.04 13.90
C LEU A 141 -24.82 -12.71 12.56
N ASP A 142 -23.71 -12.35 11.90
CA ASP A 142 -23.37 -12.91 10.60
C ASP A 142 -22.57 -14.21 10.77
N SER A 143 -23.22 -15.18 11.41
CA SER A 143 -22.55 -16.44 11.72
C SER A 143 -22.09 -17.16 10.47
N ASN A 144 -22.71 -16.91 9.32
CA ASN A 144 -22.30 -17.52 8.07
C ASN A 144 -21.16 -16.75 7.40
N ASN A 145 -20.73 -15.64 7.96
CA ASN A 145 -19.64 -14.83 7.40
C ASN A 145 -19.95 -14.42 5.96
N THR A 146 -21.21 -14.02 5.73
CA THR A 146 -21.60 -13.56 4.40
C THR A 146 -21.06 -12.16 4.13
N MET A 147 -20.99 -11.32 5.15
CA MET A 147 -20.56 -9.95 5.00
C MET A 147 -19.04 -9.87 4.93
N PRO A 148 -18.50 -8.82 4.32
CA PRO A 148 -17.04 -8.66 4.27
C PRO A 148 -16.45 -8.60 5.68
N PHE A 149 -15.26 -9.20 5.83
CA PHE A 149 -14.56 -9.22 7.11
C PHE A 149 -13.83 -7.89 7.30
N THR A 150 -14.21 -7.14 8.33
CA THR A 150 -13.68 -5.82 8.60
C THR A 150 -13.27 -5.73 10.06
N PRO A 151 -12.16 -6.37 10.44
CA PRO A 151 -11.71 -6.29 11.84
C PRO A 151 -11.38 -4.85 12.22
N ALA A 152 -11.80 -4.46 13.43
CA ALA A 152 -11.66 -3.09 13.88
C ALA A 152 -10.30 -2.80 14.50
N ALA A 153 -9.55 -3.82 14.91
CA ALA A 153 -8.27 -3.59 15.55
C ALA A 153 -7.29 -2.87 14.63
N MET A 154 -7.39 -3.10 13.32
CA MET A 154 -6.51 -2.42 12.38
C MET A 154 -6.78 -0.92 12.33
N ARG A 155 -7.96 -0.48 12.76
CA ARG A 155 -8.30 0.93 12.83
C ARG A 155 -8.35 1.44 14.27
N SER A 156 -7.99 0.60 15.24
CA SER A 156 -8.08 0.96 16.66
C SER A 156 -9.52 1.33 17.02
N GLU A 157 -10.46 0.45 16.67
CA GLU A 157 -11.88 0.73 16.81
C GLU A 157 -12.63 -0.46 17.43
N THR A 158 -11.93 -1.27 18.21
CA THR A 158 -12.58 -2.35 18.95
C THR A 158 -13.20 -1.78 20.22
N LEU A 159 -13.72 -2.64 21.09
CA LEU A 159 -14.27 -2.20 22.35
C LEU A 159 -13.16 -1.70 23.27
N GLY A 160 -13.53 -0.85 24.22
CA GLY A 160 -12.57 -0.29 25.14
C GLY A 160 -11.89 -1.35 25.98
N PHE A 161 -10.72 -1.00 26.51
CA PHE A 161 -9.89 -1.91 27.27
C PHE A 161 -10.12 -1.83 28.78
N TYR A 162 -11.04 -0.96 29.23
CA TYR A 162 -11.28 -0.77 30.65
C TYR A 162 -12.66 -1.30 31.02
N PRO A 163 -12.77 -2.28 31.91
CA PRO A 163 -14.11 -2.78 32.27
C PRO A 163 -15.04 -1.70 32.82
N TRP A 164 -14.51 -0.74 33.56
CA TRP A 164 -15.33 0.28 34.21
C TRP A 164 -15.58 1.50 33.33
N LYS A 165 -15.05 1.51 32.10
CA LYS A 165 -15.23 2.63 31.20
C LYS A 165 -16.20 2.25 30.10
N PRO A 166 -17.37 2.91 29.98
CA PRO A 166 -18.28 2.56 28.88
C PRO A 166 -17.62 2.77 27.53
N THR A 167 -17.95 1.90 26.59
CA THR A 167 -17.37 1.90 25.25
C THR A 167 -18.48 2.11 24.21
N ILE A 168 -18.07 2.17 22.96
CA ILE A 168 -19.00 2.38 21.85
C ILE A 168 -18.68 1.38 20.75
N PRO A 169 -19.65 1.08 19.89
CA PRO A 169 -19.35 0.33 18.68
C PRO A 169 -18.90 1.26 17.55
N THR A 170 -18.26 0.66 16.56
CA THR A 170 -17.76 1.45 15.44
C THR A 170 -18.76 1.40 14.29
N PRO A 171 -19.09 2.53 13.66
CA PRO A 171 -19.96 2.48 12.48
C PRO A 171 -19.34 1.58 11.42
N TRP A 172 -20.17 0.72 10.83
CA TRP A 172 -19.67 -0.30 9.92
C TRP A 172 -19.66 0.21 8.49
N ARG A 173 -18.60 -0.15 7.77
CA ARG A 173 -18.45 0.16 6.36
C ARG A 173 -17.59 -0.93 5.74
N TYR A 174 -17.69 -1.06 4.41
CA TYR A 174 -16.84 -2.04 3.72
C TYR A 174 -16.39 -1.46 2.39
N TYR A 175 -15.38 -2.10 1.81
CA TYR A 175 -14.79 -1.62 0.57
C TYR A 175 -15.65 -2.01 -0.62
N PHE A 176 -15.89 -1.04 -1.51
CA PHE A 176 -16.52 -1.26 -2.80
C PHE A 176 -15.46 -1.18 -3.88
N GLN A 177 -15.61 -1.99 -4.91
CA GLN A 177 -14.57 -2.09 -5.93
C GLN A 177 -14.39 -0.76 -6.66
N TRP A 178 -13.13 -0.46 -7.00
CA TRP A 178 -12.81 0.73 -7.77
C TRP A 178 -11.53 0.50 -8.54
N ASP A 179 -11.34 1.29 -9.58
CA ASP A 179 -10.14 1.26 -10.42
C ASP A 179 -9.40 2.57 -10.27
N ARG A 180 -8.08 2.50 -10.08
CA ARG A 180 -7.28 3.69 -9.83
C ARG A 180 -5.87 3.48 -10.36
N THR A 181 -5.33 4.50 -11.01
CA THR A 181 -3.97 4.48 -11.52
C THR A 181 -3.22 5.69 -10.99
N LEU A 182 -1.97 5.47 -10.57
CA LEU A 182 -1.16 6.53 -9.99
C LEU A 182 0.30 6.24 -10.35
N ILE A 183 0.86 7.03 -11.27
CA ILE A 183 2.25 6.88 -11.67
C ILE A 183 3.13 7.53 -10.62
N PRO A 184 4.08 6.79 -10.03
CA PRO A 184 4.93 7.41 -8.99
C PRO A 184 5.83 8.49 -9.56
N SER A 185 6.18 9.45 -8.70
CA SER A 185 7.05 10.55 -9.07
C SER A 185 7.94 10.87 -7.86
N HIS A 186 8.65 11.99 -7.95
CA HIS A 186 9.50 12.43 -6.85
C HIS A 186 9.64 13.94 -6.94
N THR A 187 10.13 14.54 -5.85
CA THR A 187 10.44 15.96 -5.86
C THR A 187 11.49 16.23 -6.93
N GLY A 188 11.10 16.94 -7.97
CA GLY A 188 11.95 17.17 -9.13
C GLY A 188 11.39 16.61 -10.43
N THR A 189 10.36 15.78 -10.38
CA THR A 189 9.71 15.30 -11.59
C THR A 189 9.01 16.46 -12.29
N SER A 190 9.15 16.51 -13.61
CA SER A 190 8.55 17.57 -14.42
C SER A 190 7.29 17.03 -15.11
N GLY A 191 6.23 17.82 -15.06
CA GLY A 191 4.95 17.41 -15.61
C GLY A 191 4.01 16.91 -14.53
N THR A 192 2.83 16.50 -15.00
CA THR A 192 1.79 15.99 -14.11
C THR A 192 1.72 14.47 -14.23
N PRO A 193 2.18 13.70 -13.25
CA PRO A 193 2.09 12.24 -13.36
C PRO A 193 0.65 11.76 -13.50
N THR A 194 0.49 10.67 -14.24
CA THR A 194 -0.83 10.10 -14.49
C THR A 194 -1.48 9.73 -13.15
N ASN A 195 -2.59 10.40 -12.84
CA ASN A 195 -3.29 10.23 -11.56
C ASN A 195 -4.80 10.35 -11.81
N ILE A 196 -5.46 9.21 -12.04
CA ILE A 196 -6.89 9.19 -12.32
C ILE A 196 -7.56 8.07 -11.51
N TYR A 197 -8.86 8.28 -11.25
CA TYR A 197 -9.74 7.26 -10.69
C TYR A 197 -10.71 6.86 -11.78
N HIS A 198 -10.65 5.60 -12.20
CA HIS A 198 -11.34 5.16 -13.41
C HIS A 198 -12.77 4.71 -13.16
N GLY A 199 -13.22 4.62 -11.92
CA GLY A 199 -14.58 4.23 -11.62
C GLY A 199 -14.70 2.85 -11.01
N THR A 200 -15.68 2.06 -11.45
CA THR A 200 -15.94 0.74 -10.91
C THR A 200 -16.09 -0.26 -12.05
N ASP A 201 -15.56 -1.46 -11.84
CA ASP A 201 -15.75 -2.56 -12.79
C ASP A 201 -17.09 -3.22 -12.53
N PRO A 202 -17.99 -3.28 -13.52
CA PRO A 202 -19.30 -3.89 -13.25
C PRO A 202 -19.22 -5.35 -12.85
N ASP A 203 -18.17 -6.06 -13.28
CA ASP A 203 -18.05 -7.48 -12.97
C ASP A 203 -17.58 -7.73 -11.54
N ASP A 204 -17.18 -6.70 -10.81
CA ASP A 204 -16.69 -6.85 -9.44
C ASP A 204 -17.62 -6.21 -8.42
N VAL A 205 -18.77 -5.71 -8.84
CA VAL A 205 -19.68 -5.04 -7.92
C VAL A 205 -20.24 -6.05 -6.92
N GLN A 206 -20.24 -5.67 -5.64
CA GLN A 206 -20.80 -6.51 -4.58
C GLN A 206 -21.39 -5.59 -3.52
N PHE A 207 -22.68 -5.34 -3.61
CA PHE A 207 -23.39 -4.48 -2.67
C PHE A 207 -24.09 -5.37 -1.65
N TYR A 208 -23.57 -5.36 -0.42
CA TYR A 208 -24.12 -6.16 0.67
C TYR A 208 -25.00 -5.30 1.56
N THR A 209 -26.06 -5.91 2.08
CA THR A 209 -26.90 -5.29 3.09
C THR A 209 -27.16 -6.29 4.20
N ILE A 210 -27.18 -5.81 5.44
CA ILE A 210 -27.42 -6.69 6.58
C ILE A 210 -28.82 -7.29 6.50
N GLU A 211 -29.80 -6.50 6.05
CA GLU A 211 -31.18 -6.96 6.05
C GLU A 211 -31.37 -8.15 5.12
N ASN A 212 -30.78 -8.12 3.94
CA ASN A 212 -30.97 -9.16 2.94
C ASN A 212 -30.07 -10.37 3.15
N SER A 213 -29.10 -10.30 4.06
CA SER A 213 -28.10 -11.34 4.22
C SER A 213 -28.13 -12.03 5.58
N VAL A 214 -28.55 -11.35 6.64
CA VAL A 214 -28.47 -11.90 7.99
C VAL A 214 -29.83 -11.81 8.67
N PRO A 215 -30.22 -12.79 9.48
CA PRO A 215 -31.41 -12.61 10.33
C PRO A 215 -31.18 -11.49 11.33
N VAL A 216 -32.24 -10.72 11.60
CA VAL A 216 -32.17 -9.57 12.49
C VAL A 216 -33.12 -9.81 13.66
N HIS A 217 -32.60 -9.65 14.87
CA HIS A 217 -33.39 -9.78 16.09
C HIS A 217 -33.72 -8.39 16.62
N LEU A 218 -34.97 -8.18 17.00
CA LEU A 218 -35.43 -6.93 17.61
C LEU A 218 -35.48 -7.13 19.11
N LEU A 219 -34.56 -6.49 19.83
CA LEU A 219 -34.45 -6.63 21.28
C LEU A 219 -35.09 -5.42 21.94
N ARG A 220 -36.12 -5.66 22.76
CA ARG A 220 -36.68 -4.63 23.59
C ARG A 220 -35.97 -4.63 24.94
N THR A 221 -36.40 -3.75 25.86
CA THR A 221 -35.69 -3.59 27.11
C THR A 221 -35.59 -4.91 27.89
N GLY A 222 -36.55 -5.81 27.71
CA GLY A 222 -36.57 -7.07 28.40
C GLY A 222 -36.00 -8.25 27.63
N ASP A 223 -35.30 -7.99 26.54
CA ASP A 223 -34.76 -9.04 25.68
C ASP A 223 -33.24 -9.08 25.76
N GLU A 224 -32.68 -10.25 25.46
CA GLU A 224 -31.25 -10.46 25.42
C GLU A 224 -30.91 -11.32 24.21
N PHE A 225 -29.66 -11.21 23.76
CA PHE A 225 -29.18 -11.94 22.60
C PHE A 225 -27.88 -12.64 22.93
N ALA A 226 -27.78 -13.92 22.59
CA ALA A 226 -26.57 -14.71 22.78
C ALA A 226 -26.19 -15.35 21.45
N THR A 227 -24.92 -15.24 21.08
CA THR A 227 -24.46 -15.80 19.82
C THR A 227 -24.28 -17.31 19.89
N GLY A 228 -23.93 -17.84 21.05
CA GLY A 228 -23.55 -19.23 21.18
C GLY A 228 -22.05 -19.42 21.04
N THR A 229 -21.56 -20.53 21.58
CA THR A 229 -20.14 -20.78 21.60
C THR A 229 -19.63 -21.15 20.21
N PHE A 230 -18.56 -20.48 19.78
CA PHE A 230 -17.85 -20.84 18.57
C PHE A 230 -16.48 -21.41 18.95
N PHE A 231 -16.06 -22.44 18.22
CA PHE A 231 -14.82 -23.14 18.51
C PHE A 231 -13.84 -22.96 17.35
N PHE A 232 -12.62 -22.55 17.68
CA PHE A 232 -11.59 -22.30 16.69
C PHE A 232 -10.87 -23.58 16.30
N ASP A 233 -10.14 -23.50 15.18
CA ASP A 233 -9.33 -24.61 14.68
C ASP A 233 -7.97 -24.09 14.24
N CYS A 234 -7.46 -23.08 14.92
CA CYS A 234 -6.22 -22.42 14.54
C CYS A 234 -5.01 -23.22 15.03
N LYS A 235 -3.83 -22.74 14.67
CA LYS A 235 -2.60 -23.37 15.09
C LYS A 235 -2.16 -22.82 16.45
N PRO A 236 -1.29 -23.55 17.16
CA PRO A 236 -0.76 -23.01 18.42
C PRO A 236 0.07 -21.76 18.18
N CYS A 237 0.07 -20.89 19.18
CA CYS A 237 0.85 -19.65 19.14
C CYS A 237 1.98 -19.76 20.16
N ARG A 238 3.21 -19.59 19.69
CA ARG A 238 4.37 -19.70 20.55
C ARG A 238 4.57 -18.44 21.36
N LEU A 239 4.78 -18.59 22.66
CA LEU A 239 5.15 -17.50 23.55
C LEU A 239 6.64 -17.46 23.82
N THR A 240 7.44 -18.11 22.98
CA THR A 240 8.88 -18.10 23.06
C THR A 240 9.45 -17.61 21.73
N HIS A 241 10.58 -16.93 21.80
CA HIS A 241 11.26 -16.41 20.62
C HIS A 241 12.51 -17.23 20.33
N THR A 242 12.90 -17.24 19.05
CA THR A 242 14.12 -17.88 18.61
C THR A 242 15.20 -16.82 18.44
N TRP A 243 16.42 -17.15 18.87
CA TRP A 243 17.55 -16.24 18.76
C TRP A 243 18.59 -16.68 17.75
N GLN A 244 18.50 -17.91 17.26
CA GLN A 244 19.57 -18.49 16.45
C GLN A 244 19.47 -17.95 15.02
N THR A 245 20.53 -17.29 14.57
CA THR A 245 20.70 -16.93 13.18
C THR A 245 21.44 -18.07 12.46
N ASN A 246 21.54 -17.99 11.14
CA ASN A 246 22.26 -19.01 10.40
C ASN A 246 23.68 -19.18 10.91
N ARG A 247 24.23 -18.14 11.53
CA ARG A 247 25.58 -18.20 12.09
C ARG A 247 25.67 -19.04 13.36
N ALA A 248 24.54 -19.45 13.93
CA ALA A 248 24.52 -20.17 15.20
C ALA A 248 23.78 -21.50 15.07
N LEU A 249 23.85 -22.13 13.90
CA LEU A 249 23.20 -23.41 13.64
C LEU A 249 24.25 -24.49 13.52
N GLY A 250 24.07 -25.58 14.26
CA GLY A 250 24.92 -26.74 14.15
C GLY A 250 26.09 -26.73 15.11
N LEU A 251 27.08 -27.56 14.77
CA LEU A 251 28.25 -27.74 15.63
C LEU A 251 29.23 -26.60 15.41
N PRO A 252 29.63 -25.87 16.46
CA PRO A 252 30.66 -24.84 16.29
C PRO A 252 32.00 -25.47 15.94
N PRO A 253 32.93 -24.69 15.39
CA PRO A 253 34.27 -25.22 15.14
C PRO A 253 35.00 -25.52 16.42
N PHE A 254 35.86 -26.54 16.37
CA PHE A 254 36.66 -26.91 17.53
C PHE A 254 37.78 -25.91 17.72
N LEU A 255 37.93 -25.41 18.95
CA LEU A 255 38.96 -24.44 19.28
C LEU A 255 40.18 -25.19 19.79
N ASN A 256 41.25 -25.20 18.99
CA ASN A 256 42.46 -25.91 19.39
C ASN A 256 43.24 -25.15 20.46
N SER A 257 43.01 -23.86 20.60
CA SER A 257 43.62 -23.05 21.66
C SER A 257 42.52 -22.28 22.37
N LEU A 258 42.49 -22.39 23.70
CA LEU A 258 41.51 -21.73 24.52
C LEU A 258 42.16 -20.65 25.37
N PRO A 259 41.43 -19.60 25.74
CA PRO A 259 42.02 -18.55 26.57
C PRO A 259 42.50 -19.09 27.91
N GLN A 260 43.64 -18.57 28.36
CA GLN A 260 44.21 -18.97 29.64
C GLN A 260 43.88 -18.00 30.77
N SER A 261 43.21 -16.89 30.46
CA SER A 261 42.82 -15.92 31.48
C SER A 261 41.51 -15.28 31.06
N GLU A 262 40.58 -15.15 32.00
CA GLU A 262 39.30 -14.52 31.70
C GLU A 262 39.50 -13.04 31.40
N GLY A 263 38.63 -12.50 30.57
CA GLY A 263 38.71 -11.13 30.12
C GLY A 263 38.20 -11.00 28.70
N GLY A 264 37.71 -9.80 28.38
CA GLY A 264 37.14 -9.56 27.07
C GLY A 264 38.13 -9.58 25.93
N THR A 265 39.41 -9.37 26.22
CA THR A 265 40.45 -9.35 25.19
C THR A 265 41.02 -10.73 24.90
N ASN A 266 40.68 -11.74 25.70
CA ASN A 266 41.19 -13.09 25.53
C ASN A 266 40.16 -13.91 24.75
N PHE A 267 40.57 -14.40 23.58
CA PHE A 267 39.69 -15.13 22.68
C PHE A 267 40.23 -16.54 22.43
N GLY A 268 39.30 -17.48 22.27
CA GLY A 268 39.67 -18.78 21.76
C GLY A 268 39.90 -18.75 20.26
N TYR A 269 40.81 -19.59 19.79
CA TYR A 269 41.20 -19.62 18.39
C TYR A 269 40.98 -21.01 17.82
N ILE A 270 40.44 -21.07 16.60
CA ILE A 270 40.21 -22.35 15.95
C ILE A 270 41.52 -23.09 15.75
N GLY A 271 42.58 -22.37 15.41
CA GLY A 271 43.90 -22.96 15.29
C GLY A 271 44.18 -23.66 13.98
N VAL A 272 43.27 -23.55 13.01
CA VAL A 272 43.44 -24.17 11.70
C VAL A 272 43.21 -23.11 10.63
N GLN A 273 44.05 -23.12 9.60
CA GLN A 273 43.88 -22.19 8.50
C GLN A 273 42.52 -22.37 7.86
N GLN A 274 41.89 -21.25 7.49
CA GLN A 274 40.54 -21.29 6.96
C GLN A 274 40.45 -22.14 5.69
N ASP A 275 41.52 -22.19 4.90
CA ASP A 275 41.56 -23.00 3.69
C ASP A 275 42.07 -24.42 3.94
N LYS A 276 42.47 -24.74 5.17
CA LYS A 276 42.91 -26.08 5.54
C LYS A 276 41.92 -26.79 6.46
N ARG A 277 40.74 -26.20 6.67
CA ARG A 277 39.78 -26.76 7.60
C ARG A 277 38.96 -27.87 6.93
N ARG A 278 38.25 -28.63 7.77
CA ARG A 278 37.38 -29.69 7.31
C ARG A 278 35.92 -29.31 7.55
N GLY A 279 35.06 -29.76 6.66
CA GLY A 279 33.65 -29.44 6.77
C GLY A 279 32.98 -29.49 5.40
N VAL A 280 31.78 -28.92 5.35
CA VAL A 280 30.97 -28.91 4.14
C VAL A 280 30.52 -27.48 3.87
N THR A 281 30.63 -27.06 2.61
CA THR A 281 30.15 -25.76 2.18
C THR A 281 29.45 -25.92 0.84
N GLN A 282 28.52 -25.01 0.56
CA GLN A 282 27.83 -24.98 -0.72
C GLN A 282 28.65 -24.26 -1.81
N MET A 283 29.82 -23.73 -1.46
CA MET A 283 30.68 -23.05 -2.43
C MET A 283 31.69 -24.07 -2.93
N GLY A 284 31.43 -24.63 -4.10
CA GLY A 284 32.22 -25.70 -4.65
C GLY A 284 33.52 -25.28 -5.32
N ASN A 285 33.80 -23.99 -5.37
CA ASN A 285 35.03 -23.49 -6.00
C ASN A 285 35.96 -22.80 -5.01
N THR A 286 35.74 -22.98 -3.71
CA THR A 286 36.58 -22.38 -2.68
C THR A 286 36.93 -23.43 -1.64
N ASN A 287 38.15 -23.33 -1.11
CA ASN A 287 38.61 -24.20 -0.03
C ASN A 287 38.42 -23.57 1.34
N TYR A 288 37.94 -22.32 1.40
CA TYR A 288 37.76 -21.63 2.67
C TYR A 288 36.53 -22.17 3.38
N ILE A 289 36.69 -22.57 4.64
CA ILE A 289 35.60 -22.97 5.50
C ILE A 289 35.59 -22.02 6.69
N THR A 290 34.63 -21.10 6.72
CA THR A 290 34.52 -20.10 7.76
C THR A 290 33.09 -20.10 8.30
N GLU A 291 32.87 -19.29 9.33
CA GLU A 291 31.54 -19.20 9.93
C GLU A 291 30.51 -18.64 8.97
N ALA A 292 30.95 -17.88 7.96
CA ALA A 292 30.03 -17.27 7.00
C ALA A 292 29.80 -18.15 5.78
N THR A 293 30.72 -19.06 5.47
CA THR A 293 30.62 -19.88 4.27
C THR A 293 30.26 -21.33 4.55
N ILE A 294 30.40 -21.80 5.79
CA ILE A 294 30.10 -23.19 6.09
C ILE A 294 28.62 -23.47 5.86
N MET A 295 28.32 -24.70 5.45
CA MET A 295 26.95 -25.08 5.14
C MET A 295 26.09 -25.10 6.39
N ARG A 296 24.85 -24.65 6.26
CA ARG A 296 23.85 -24.71 7.31
C ARG A 296 22.63 -25.46 6.80
N PRO A 297 21.83 -26.05 7.69
CA PRO A 297 20.69 -26.86 7.21
C PRO A 297 19.74 -26.09 6.33
N ALA A 298 19.45 -24.84 6.64
CA ALA A 298 18.51 -24.03 5.88
C ALA A 298 18.80 -22.56 6.21
N GLU A 299 17.88 -21.68 5.82
CA GLU A 299 18.01 -20.25 6.07
C GLU A 299 16.95 -19.81 7.07
N VAL A 300 17.38 -19.07 8.09
CA VAL A 300 16.46 -18.51 9.08
C VAL A 300 16.12 -17.09 8.63
N GLY A 301 14.84 -16.85 8.37
CA GLY A 301 14.40 -15.57 7.87
C GLY A 301 14.65 -15.43 6.38
N TYR A 302 14.35 -14.23 5.88
CA TYR A 302 14.55 -13.94 4.46
C TYR A 302 14.64 -12.43 4.28
N SER A 303 15.15 -12.04 3.12
CA SER A 303 15.22 -10.63 2.72
C SER A 303 14.19 -10.38 1.63
N ALA A 304 13.51 -9.25 1.72
CA ALA A 304 12.54 -8.82 0.73
C ALA A 304 12.70 -7.34 0.47
N PRO A 305 12.25 -6.86 -0.69
CA PRO A 305 12.29 -5.41 -0.95
C PRO A 305 11.49 -4.66 0.11
N TYR A 306 12.16 -3.78 0.83
CA TYR A 306 11.54 -3.05 1.93
C TYR A 306 11.16 -1.65 1.49
N TYR A 307 10.00 -1.19 1.96
CA TYR A 307 9.38 0.05 1.47
C TYR A 307 9.24 0.02 -0.04
N SER A 308 8.85 -1.14 -0.56
CA SER A 308 8.46 -1.29 -1.96
C SER A 308 6.94 -1.21 -2.04
N PHE A 309 6.44 -0.43 -2.99
CA PHE A 309 5.01 -0.23 -3.19
C PHE A 309 4.62 -0.84 -4.52
N GLU A 310 3.72 -1.82 -4.48
CA GLU A 310 3.22 -2.48 -5.68
C GLU A 310 1.86 -1.90 -6.06
N ALA A 311 1.69 -1.62 -7.34
CA ALA A 311 0.44 -1.08 -7.86
C ALA A 311 -0.40 -2.19 -8.44
N SER A 312 -1.69 -2.14 -8.19
CA SER A 312 -2.64 -3.11 -8.72
C SER A 312 -3.89 -2.36 -9.15
N THR A 313 -4.96 -3.10 -9.43
CA THR A 313 -6.16 -2.52 -10.02
C THR A 313 -6.64 -1.31 -9.23
N GLN A 314 -6.45 -1.31 -7.91
CA GLN A 314 -7.01 -0.29 -7.04
C GLN A 314 -5.98 0.71 -6.53
N GLY A 315 -4.74 0.66 -7.03
CA GLY A 315 -3.74 1.63 -6.64
C GLY A 315 -2.52 0.99 -6.01
N PRO A 316 -1.68 1.81 -5.37
CA PRO A 316 -0.46 1.29 -4.76
C PRO A 316 -0.66 0.87 -3.30
N PHE A 317 0.04 -0.19 -2.93
CA PHE A 317 0.03 -0.68 -1.55
C PHE A 317 1.43 -1.14 -1.19
N LYS A 318 1.80 -0.95 0.08
CA LYS A 318 3.12 -1.37 0.54
C LYS A 318 3.23 -2.89 0.57
N THR A 319 4.39 -3.40 0.19
CA THR A 319 4.64 -4.83 0.22
C THR A 319 4.89 -5.27 1.65
N PRO A 320 4.08 -6.16 2.22
CA PRO A 320 4.31 -6.58 3.62
C PRO A 320 5.50 -7.51 3.74
N ILE A 321 6.03 -7.57 4.96
CA ILE A 321 7.14 -8.44 5.31
C ILE A 321 6.78 -9.19 6.58
N ALA A 322 7.20 -10.46 6.67
CA ALA A 322 6.86 -11.28 7.82
C ALA A 322 7.65 -10.88 9.06
N ALA A 323 8.95 -10.62 8.90
CA ALA A 323 9.85 -10.37 10.02
C ALA A 323 10.24 -8.90 10.07
N GLY A 324 10.56 -8.44 11.28
CA GLY A 324 11.03 -7.09 11.48
C GLY A 324 12.50 -6.93 11.16
N ARG A 325 12.97 -5.69 11.24
CA ARG A 325 14.36 -5.40 10.90
C ARG A 325 15.32 -5.97 11.95
N GLY A 326 16.44 -6.49 11.47
CA GLY A 326 17.52 -6.86 12.37
C GLY A 326 18.32 -5.64 12.79
N GLY A 327 18.78 -5.66 14.03
CA GLY A 327 19.45 -4.53 14.62
C GLY A 327 18.54 -3.55 15.33
N ALA A 328 17.22 -3.74 15.25
CA ALA A 328 16.30 -2.90 16.01
C ALA A 328 16.41 -3.16 17.51
N GLN A 329 17.06 -4.26 17.91
CA GLN A 329 17.29 -4.55 19.32
C GLN A 329 18.60 -3.95 19.81
N THR A 330 19.63 -3.95 18.96
CA THR A 330 20.87 -3.27 19.31
C THR A 330 20.71 -1.75 19.19
N ASP A 331 19.82 -1.29 18.31
CA ASP A 331 19.56 0.13 18.13
C ASP A 331 18.07 0.29 17.85
N GLU A 332 17.34 0.82 18.83
CA GLU A 332 15.89 0.96 18.69
C GLU A 332 15.51 1.86 17.52
N ASN A 333 16.42 2.75 17.10
CA ASN A 333 16.13 3.64 15.98
C ASN A 333 16.11 2.92 14.64
N GLN A 334 16.54 1.66 14.58
CA GLN A 334 16.53 0.90 13.34
C GLN A 334 15.20 0.25 13.05
N ALA A 335 14.22 0.38 13.95
CA ALA A 335 12.90 -0.20 13.72
C ALA A 335 12.22 0.51 12.56
N ALA A 336 11.85 -0.27 11.54
CA ALA A 336 11.19 0.30 10.36
C ALA A 336 10.29 -0.74 9.70
N ASP A 337 10.73 -1.31 8.58
CA ASP A 337 9.90 -2.25 7.85
C ASP A 337 9.76 -3.55 8.64
N GLY A 338 8.52 -4.03 8.77
CA GLY A 338 8.25 -5.26 9.48
C GLY A 338 8.07 -5.10 10.98
N ASP A 339 8.42 -3.94 11.53
CA ASP A 339 8.18 -3.64 12.94
C ASP A 339 6.86 -2.89 13.03
N PRO A 340 5.76 -3.56 13.39
CA PRO A 340 4.46 -2.88 13.32
C PRO A 340 4.40 -1.67 14.25
N ARG A 341 3.75 -0.62 13.77
CA ARG A 341 3.54 0.60 14.53
C ARG A 341 2.06 0.74 14.82
N TYR A 342 1.72 0.87 16.10
CA TYR A 342 0.34 0.95 16.56
C TYR A 342 0.06 2.38 17.02
N ALA A 343 -1.03 2.95 16.50
CA ALA A 343 -1.53 4.26 16.90
C ALA A 343 -2.94 4.08 17.43
N PHE A 344 -3.22 4.62 18.61
CA PHE A 344 -4.49 4.37 19.28
C PHE A 344 -4.90 5.59 20.08
N GLY A 345 -6.18 5.62 20.45
CA GLY A 345 -6.75 6.70 21.21
C GLY A 345 -6.89 6.36 22.68
N ARG A 346 -7.71 7.16 23.37
CA ARG A 346 -7.83 7.04 24.82
C ARG A 346 -8.59 5.80 25.24
N GLN A 347 -9.37 5.19 24.34
CA GLN A 347 -10.08 3.97 24.66
C GLN A 347 -9.17 2.76 24.74
N HIS A 348 -8.00 2.82 24.09
CA HIS A 348 -7.20 1.63 23.82
C HIS A 348 -5.75 1.78 24.29
N GLY A 349 -5.54 2.45 25.42
CA GLY A 349 -4.24 2.50 26.06
C GLY A 349 -3.67 3.88 26.26
N GLN A 350 -4.11 4.87 25.47
CA GLN A 350 -3.60 6.22 25.66
C GLN A 350 -4.11 6.82 26.95
N LYS A 351 -3.29 7.66 27.57
CA LYS A 351 -3.67 8.33 28.80
C LYS A 351 -5.03 8.98 28.64
N THR A 352 -6.01 8.53 29.43
CA THR A 352 -7.40 8.90 29.21
C THR A 352 -7.66 10.39 29.40
N THR A 353 -6.78 11.09 30.10
CA THR A 353 -6.97 12.51 30.39
C THR A 353 -6.28 13.42 29.37
N THR A 354 -5.62 12.85 28.38
CA THR A 354 -4.96 13.67 27.36
C THR A 354 -6.00 14.38 26.49
N THR A 355 -5.60 15.52 25.95
CA THR A 355 -6.45 16.33 25.08
C THR A 355 -5.80 16.48 23.72
N GLY A 356 -6.63 16.47 22.68
CA GLY A 356 -6.17 16.60 21.33
C GLY A 356 -6.43 15.33 20.52
N GLU A 357 -6.26 15.47 19.20
CA GLU A 357 -6.47 14.36 18.27
C GLU A 357 -5.20 13.54 18.03
N THR A 358 -4.08 13.91 18.63
CA THR A 358 -2.84 13.17 18.42
C THR A 358 -2.94 11.83 19.14
N PRO A 359 -2.77 10.70 18.45
CA PRO A 359 -2.88 9.40 19.12
C PRO A 359 -1.57 9.02 19.81
N GLU A 360 -1.69 8.05 20.71
CA GLU A 360 -0.52 7.43 21.32
C GLU A 360 0.01 6.35 20.38
N ARG A 361 1.34 6.35 20.18
CA ARG A 361 1.96 5.50 19.18
C ARG A 361 3.11 4.73 19.79
N PHE A 362 3.32 3.51 19.29
CA PHE A 362 4.50 2.73 19.66
C PHE A 362 4.83 1.75 18.54
N THR A 363 6.14 1.57 18.32
CA THR A 363 6.63 0.57 17.39
C THR A 363 7.03 -0.68 18.17
N TYR A 364 6.56 -1.83 17.70
CA TYR A 364 6.78 -3.10 18.40
C TYR A 364 8.05 -3.75 17.87
N ILE A 365 8.98 -4.04 18.77
CA ILE A 365 10.22 -4.75 18.44
C ILE A 365 10.08 -6.16 18.99
N ALA A 366 10.01 -7.14 18.08
CA ALA A 366 9.91 -8.53 18.49
C ALA A 366 11.26 -9.05 18.98
N HIS A 367 11.21 -9.96 19.96
CA HIS A 367 12.43 -10.54 20.48
C HIS A 367 13.04 -11.56 19.53
N GLN A 368 12.25 -12.12 18.61
CA GLN A 368 12.77 -13.08 17.65
C GLN A 368 13.78 -12.41 16.71
N ASP A 369 14.85 -13.12 16.41
CA ASP A 369 15.97 -12.60 15.63
C ASP A 369 15.93 -13.06 14.18
N THR A 370 14.73 -13.18 13.59
CA THR A 370 14.61 -13.61 12.21
C THR A 370 14.77 -12.48 11.21
N GLY A 371 15.02 -11.25 11.67
CA GLY A 371 15.16 -10.12 10.78
C GLY A 371 16.50 -10.09 10.08
N ARG A 372 16.68 -9.07 9.26
CA ARG A 372 17.87 -8.89 8.45
C ARG A 372 18.50 -7.53 8.72
N TYR A 373 19.81 -7.47 8.60
CA TYR A 373 20.57 -6.24 8.72
C TYR A 373 21.13 -5.89 7.34
N PRO A 374 20.34 -5.22 6.49
CA PRO A 374 20.77 -5.07 5.09
C PRO A 374 22.07 -4.31 4.91
N GLU A 375 22.45 -3.47 5.87
CA GLU A 375 23.71 -2.75 5.77
C GLU A 375 24.92 -3.69 5.82
N GLY A 376 24.73 -4.92 6.30
CA GLY A 376 25.81 -5.88 6.37
C GLY A 376 25.76 -6.93 5.27
N ASP A 377 24.83 -6.77 4.33
CA ASP A 377 24.72 -7.69 3.21
C ASP A 377 25.65 -7.27 2.09
N TRP A 378 25.96 -8.22 1.20
CA TRP A 378 26.71 -7.90 -0.01
C TRP A 378 26.60 -9.07 -0.97
N ILE A 379 26.84 -8.79 -2.24
CA ILE A 379 26.94 -9.81 -3.29
C ILE A 379 28.35 -9.75 -3.85
N GLN A 380 28.85 -10.88 -4.33
CA GLN A 380 30.16 -10.89 -4.97
C GLN A 380 30.22 -11.97 -6.03
N ASN A 381 31.28 -11.92 -6.82
CA ASN A 381 31.40 -12.76 -8.01
C ASN A 381 31.48 -14.24 -7.64
N ILE A 382 31.04 -15.08 -8.58
CA ILE A 382 31.10 -16.52 -8.38
C ILE A 382 32.54 -16.99 -8.22
N ASN A 383 33.50 -16.25 -8.77
CA ASN A 383 34.90 -16.65 -8.68
C ASN A 383 35.37 -16.67 -7.23
N PHE A 384 34.94 -15.70 -6.42
CA PHE A 384 35.23 -15.67 -4.99
C PHE A 384 36.73 -15.58 -4.71
N ASN A 385 37.38 -14.63 -5.38
CA ASN A 385 38.79 -14.35 -5.12
C ASN A 385 38.91 -13.31 -4.01
N LEU A 386 39.54 -13.70 -2.90
CA LEU A 386 39.60 -12.85 -1.72
C LEU A 386 41.01 -12.27 -1.54
N PRO A 387 41.13 -11.02 -1.09
CA PRO A 387 40.06 -10.06 -0.79
C PRO A 387 39.37 -9.57 -2.05
N VAL A 388 38.05 -9.37 -1.99
CA VAL A 388 37.29 -9.04 -3.19
C VAL A 388 37.58 -7.61 -3.62
N THR A 389 37.64 -7.40 -4.93
CA THR A 389 37.95 -6.09 -5.48
C THR A 389 36.65 -5.33 -5.78
N ASP A 390 36.81 -4.10 -6.27
CA ASP A 390 35.67 -3.19 -6.42
C ASP A 390 34.62 -3.77 -7.37
N ASP A 391 35.05 -4.18 -8.57
CA ASP A 391 34.12 -4.60 -9.61
C ASP A 391 33.49 -5.96 -9.35
N ASN A 392 34.05 -6.74 -8.43
CA ASN A 392 33.56 -8.08 -8.16
C ASN A 392 32.63 -8.14 -6.94
N VAL A 393 32.29 -6.99 -6.35
CA VAL A 393 31.43 -6.94 -5.19
C VAL A 393 30.41 -5.83 -5.36
N LEU A 394 29.15 -6.15 -5.09
CA LEU A 394 28.06 -5.19 -5.00
C LEU A 394 27.73 -4.99 -3.52
N LEU A 395 27.96 -3.79 -3.02
CA LEU A 395 27.79 -3.45 -1.62
C LEU A 395 26.48 -2.70 -1.42
N PRO A 396 25.99 -2.63 -0.17
CA PRO A 396 24.76 -1.86 0.09
C PRO A 396 24.89 -0.38 -0.21
N THR A 397 26.11 0.13 -0.38
CA THR A 397 26.33 1.53 -0.70
C THR A 397 26.41 1.79 -2.20
N ASP A 398 26.34 0.75 -3.03
CA ASP A 398 26.44 0.92 -4.47
C ASP A 398 25.10 1.37 -5.03
N PRO A 399 25.03 2.50 -5.75
CA PRO A 399 23.74 2.95 -6.28
C PRO A 399 23.13 1.94 -7.24
N ILE A 400 21.81 1.84 -7.20
CA ILE A 400 21.03 0.99 -8.11
C ILE A 400 20.13 1.91 -8.91
N GLY A 401 20.21 1.81 -10.24
CA GLY A 401 19.42 2.67 -11.09
C GLY A 401 19.93 4.09 -11.18
N GLY A 402 21.13 4.36 -10.68
CA GLY A 402 21.67 5.69 -10.64
C GLY A 402 21.27 6.51 -9.44
N LYS A 403 20.61 5.90 -8.45
CA LYS A 403 20.13 6.61 -7.27
C LYS A 403 21.03 6.26 -6.10
N THR A 404 21.57 7.29 -5.44
CA THR A 404 22.47 7.06 -4.31
C THR A 404 21.72 6.70 -3.03
N GLY A 405 20.40 6.87 -3.00
CA GLY A 405 19.60 6.47 -1.87
C GLY A 405 18.94 5.12 -2.01
N ILE A 406 19.16 4.43 -3.13
CA ILE A 406 18.60 3.11 -3.38
C ILE A 406 19.76 2.16 -3.68
N ASN A 407 19.76 1.01 -3.02
CA ASN A 407 20.76 -0.02 -3.24
C ASN A 407 20.07 -1.34 -3.53
N TYR A 408 20.87 -2.36 -3.83
CA TYR A 408 20.30 -3.64 -4.24
C TYR A 408 19.44 -4.25 -3.15
N THR A 409 19.80 -4.04 -1.89
CA THR A 409 19.00 -4.60 -0.80
C THR A 409 17.57 -4.08 -0.83
N ASN A 410 17.35 -2.89 -1.39
CA ASN A 410 15.99 -2.36 -1.47
C ASN A 410 15.13 -3.17 -2.42
N ILE A 411 15.73 -3.79 -3.43
CA ILE A 411 15.01 -4.62 -4.40
C ILE A 411 15.39 -6.09 -4.26
N PHE A 412 15.97 -6.48 -3.13
CA PHE A 412 16.54 -7.81 -2.96
C PHE A 412 15.54 -8.75 -2.31
N ASN A 413 15.36 -9.92 -2.91
CA ASN A 413 14.47 -10.95 -2.40
C ASN A 413 15.25 -12.25 -2.27
N THR A 414 15.24 -12.85 -1.08
CA THR A 414 15.91 -14.11 -0.83
C THR A 414 14.95 -15.20 -0.35
N TYR A 415 13.65 -14.97 -0.45
CA TYR A 415 12.69 -16.02 -0.10
C TYR A 415 12.88 -17.21 -1.04
N GLY A 416 12.88 -18.41 -0.47
CA GLY A 416 13.09 -19.61 -1.24
C GLY A 416 12.61 -20.85 -0.52
N PRO A 417 12.88 -22.02 -1.11
CA PRO A 417 12.45 -23.27 -0.47
C PRO A 417 13.12 -23.55 0.85
N LEU A 418 14.26 -22.92 1.13
CA LEU A 418 15.01 -23.13 2.37
C LEU A 418 14.65 -22.13 3.45
N THR A 419 13.75 -21.19 3.18
CA THR A 419 13.44 -20.16 4.16
C THR A 419 12.60 -20.74 5.31
N ALA A 420 13.02 -20.44 6.53
CA ALA A 420 12.28 -20.81 7.74
C ALA A 420 12.04 -19.55 8.55
N LEU A 421 10.80 -19.34 8.99
CA LEU A 421 10.44 -18.15 9.73
C LEU A 421 9.36 -18.50 10.74
N ASN A 422 9.09 -17.54 11.63
CA ASN A 422 8.12 -17.71 12.70
C ASN A 422 6.87 -16.88 12.42
N ASN A 423 5.79 -17.23 13.12
CA ASN A 423 4.58 -16.43 13.08
C ASN A 423 4.76 -15.15 13.88
N VAL A 424 3.94 -14.15 13.58
CA VAL A 424 4.06 -12.86 14.26
C VAL A 424 3.69 -13.04 15.73
N PRO A 425 4.37 -12.37 16.66
CA PRO A 425 4.02 -12.49 18.07
C PRO A 425 2.75 -11.72 18.39
N PRO A 426 2.00 -12.12 19.41
CA PRO A 426 0.89 -11.28 19.88
C PRO A 426 1.40 -9.92 20.34
N VAL A 427 0.62 -8.89 20.04
CA VAL A 427 0.92 -7.53 20.47
C VAL A 427 -0.15 -7.12 21.46
N TYR A 428 0.26 -6.90 22.70
CA TYR A 428 -0.66 -6.46 23.75
C TYR A 428 -0.52 -4.96 23.98
N PRO A 429 -1.62 -4.24 24.25
CA PRO A 429 -3.03 -4.67 24.25
C PRO A 429 -3.70 -4.44 22.90
N ASN A 430 -3.00 -3.78 21.96
CA ASN A 430 -3.62 -3.28 20.75
C ASN A 430 -3.61 -4.26 19.59
N GLY A 431 -2.98 -5.43 19.75
CA GLY A 431 -2.88 -6.38 18.66
C GLY A 431 -4.16 -7.16 18.47
N GLN A 432 -4.38 -7.59 17.23
CA GLN A 432 -5.49 -8.46 16.89
C GLN A 432 -5.20 -9.89 17.33
N ILE A 433 -6.26 -10.63 17.65
CA ILE A 433 -6.12 -11.98 18.15
C ILE A 433 -6.25 -12.98 17.00
N TRP A 434 -7.37 -12.95 16.29
CA TRP A 434 -7.62 -13.87 15.19
C TRP A 434 -8.01 -13.09 13.94
N ASP A 435 -7.72 -13.68 12.78
CA ASP A 435 -8.03 -13.06 11.50
C ASP A 435 -8.52 -14.12 10.53
N LYS A 436 -9.48 -13.74 9.69
CA LYS A 436 -10.03 -14.66 8.71
C LYS A 436 -9.01 -14.95 7.61
N GLU A 437 -8.97 -16.21 7.19
CA GLU A 437 -8.07 -16.60 6.10
C GLU A 437 -8.63 -16.14 4.76
N PHE A 438 -7.72 -15.82 3.84
CA PHE A 438 -8.12 -15.43 2.50
C PHE A 438 -8.83 -16.58 1.80
N ASP A 439 -9.80 -16.23 0.95
CA ASP A 439 -10.55 -17.21 0.19
C ASP A 439 -9.90 -17.53 -1.16
N THR A 440 -8.60 -17.31 -1.28
CA THR A 440 -7.88 -17.64 -2.50
C THR A 440 -7.59 -19.14 -2.56
N ASP A 441 -7.24 -19.61 -3.76
CA ASP A 441 -6.89 -21.01 -3.92
C ASP A 441 -5.58 -21.34 -3.21
N LEU A 442 -4.57 -20.51 -3.42
CA LEU A 442 -3.30 -20.62 -2.70
C LEU A 442 -3.27 -19.56 -1.61
N LYS A 443 -3.03 -20.01 -0.38
CA LYS A 443 -3.18 -19.15 0.78
C LYS A 443 -1.82 -18.77 1.36
N PRO A 444 -1.71 -17.60 1.99
CA PRO A 444 -0.43 -17.22 2.59
C PRO A 444 -0.08 -18.13 3.76
N ARG A 445 1.23 -18.27 3.98
CA ARG A 445 1.70 -19.12 5.08
C ARG A 445 1.45 -18.51 6.45
N LEU A 446 1.20 -17.20 6.51
CA LEU A 446 0.89 -16.54 7.77
C LEU A 446 0.27 -15.19 7.47
N HIS A 447 -0.29 -14.59 8.52
CA HIS A 447 -0.78 -13.22 8.49
C HIS A 447 0.09 -12.36 9.40
N VAL A 448 0.31 -11.10 8.99
CA VAL A 448 1.18 -10.21 9.76
C VAL A 448 0.42 -9.39 10.78
N ASN A 449 -0.89 -9.57 10.90
CA ASN A 449 -1.71 -8.74 11.79
C ASN A 449 -2.30 -9.49 12.97
N ALA A 450 -2.31 -10.82 12.94
CA ALA A 450 -2.88 -11.60 14.04
C ALA A 450 -2.15 -12.93 14.15
N PRO A 451 -1.88 -13.41 15.37
CA PRO A 451 -1.17 -14.69 15.51
C PRO A 451 -2.03 -15.90 15.17
N PHE A 452 -3.35 -15.77 15.17
CA PHE A 452 -4.25 -16.87 14.85
C PHE A 452 -5.00 -16.54 13.55
N VAL A 453 -5.10 -17.53 12.68
CA VAL A 453 -5.76 -17.37 11.38
C VAL A 453 -6.88 -18.39 11.27
N CYS A 454 -8.00 -17.97 10.70
CA CYS A 454 -9.20 -18.81 10.61
C CYS A 454 -9.11 -19.68 9.37
N GLN A 455 -8.76 -20.96 9.54
CA GLN A 455 -8.66 -21.86 8.39
C GLN A 455 -10.00 -21.97 7.68
N ASN A 456 -11.03 -22.45 8.40
CA ASN A 456 -12.36 -22.58 7.80
C ASN A 456 -13.19 -21.33 8.02
N ASN A 457 -13.41 -20.96 9.28
CA ASN A 457 -14.16 -19.75 9.61
C ASN A 457 -13.92 -19.42 11.07
N CYS A 458 -14.28 -18.19 11.42
CA CYS A 458 -14.22 -17.68 12.79
C CYS A 458 -15.44 -16.80 13.02
N PRO A 459 -15.77 -16.52 14.28
CA PRO A 459 -17.17 -16.18 14.60
C PRO A 459 -17.69 -15.00 13.81
N GLY A 460 -18.98 -15.07 13.47
CA GLY A 460 -19.57 -14.03 12.65
C GLY A 460 -19.52 -12.68 13.33
N GLN A 461 -19.41 -11.65 12.50
CA GLN A 461 -19.39 -10.28 13.00
C GLN A 461 -20.74 -9.91 13.59
N LEU A 462 -20.71 -9.15 14.68
CA LEU A 462 -21.91 -8.73 15.39
C LEU A 462 -22.22 -7.29 15.00
N PHE A 463 -23.44 -7.05 14.50
CA PHE A 463 -23.87 -5.73 14.06
C PHE A 463 -25.06 -5.30 14.89
N VAL A 464 -25.04 -4.03 15.30
CA VAL A 464 -26.11 -3.46 16.12
C VAL A 464 -26.57 -2.17 15.46
N LYS A 465 -27.84 -1.84 15.70
CA LYS A 465 -28.45 -0.66 15.11
C LYS A 465 -29.64 -0.28 15.97
N VAL A 466 -30.00 1.00 15.95
CA VAL A 466 -31.21 1.46 16.64
C VAL A 466 -32.35 1.42 15.63
N ALA A 467 -33.38 0.64 15.94
CA ALA A 467 -34.50 0.51 15.03
C ALA A 467 -35.14 1.87 14.79
N PRO A 468 -35.59 2.17 13.57
CA PRO A 468 -36.15 3.50 13.31
C PRO A 468 -37.30 3.81 14.25
N ASN A 469 -37.25 5.01 14.84
CA ASN A 469 -38.29 5.50 15.74
C ASN A 469 -38.95 6.68 15.02
N LEU A 470 -39.97 6.38 14.22
CA LEU A 470 -40.59 7.37 13.36
C LEU A 470 -41.49 8.30 14.16
N THR A 471 -41.64 9.51 13.64
CA THR A 471 -42.62 10.45 14.16
C THR A 471 -43.96 10.21 13.46
N ASN A 472 -44.94 11.07 13.76
CA ASN A 472 -46.26 10.92 13.16
C ASN A 472 -46.34 11.47 11.74
N GLN A 473 -45.28 12.10 11.24
CA GLN A 473 -45.29 12.76 9.94
C GLN A 473 -44.47 12.02 8.90
N TYR A 474 -44.26 10.71 9.07
CA TYR A 474 -43.48 9.96 8.11
C TYR A 474 -44.20 9.83 6.78
N ASP A 475 -43.48 10.04 5.70
CA ASP A 475 -44.02 9.91 4.34
C ASP A 475 -42.97 9.24 3.47
N PRO A 476 -43.11 7.93 3.20
CA PRO A 476 -42.07 7.24 2.41
C PRO A 476 -41.92 7.78 1.00
N ASP A 477 -42.93 8.44 0.46
CA ASP A 477 -42.83 9.01 -0.88
C ASP A 477 -41.95 10.25 -0.94
N ALA A 478 -41.75 10.93 0.19
CA ALA A 478 -40.95 12.14 0.22
C ALA A 478 -39.49 11.83 -0.05
N SER A 479 -38.86 12.67 -0.87
CA SER A 479 -37.44 12.53 -1.16
C SER A 479 -36.55 13.02 -0.02
N ALA A 480 -37.11 13.74 0.94
CA ALA A 480 -36.33 14.23 2.07
C ALA A 480 -35.99 13.07 3.02
N ASN A 481 -35.04 13.33 3.90
CA ASN A 481 -34.57 12.31 4.81
C ASN A 481 -35.67 11.91 5.80
N MET A 482 -35.64 10.64 6.21
CA MET A 482 -36.60 10.14 7.18
C MET A 482 -36.52 10.94 8.47
N SER A 483 -37.68 11.31 9.01
CA SER A 483 -37.76 12.03 10.27
C SER A 483 -37.97 11.04 11.41
N ARG A 484 -37.02 10.98 12.33
CA ARG A 484 -37.04 10.01 13.42
C ARG A 484 -37.01 10.73 14.76
N ILE A 485 -37.58 10.08 15.78
CA ILE A 485 -37.41 10.54 17.14
C ILE A 485 -35.98 10.23 17.58
N VAL A 486 -35.30 11.25 18.13
CA VAL A 486 -33.91 11.08 18.52
C VAL A 486 -33.84 10.00 19.59
N THR A 487 -33.25 8.86 19.25
CA THR A 487 -33.21 7.69 20.11
C THR A 487 -31.78 7.17 20.20
N TYR A 488 -31.45 6.59 21.35
CA TYR A 488 -30.15 5.96 21.54
C TYR A 488 -30.33 4.79 22.48
N SER A 489 -29.32 3.93 22.54
CA SER A 489 -29.37 2.71 23.32
C SER A 489 -28.11 2.57 24.17
N ASP A 490 -28.27 1.91 25.32
CA ASP A 490 -27.17 1.48 26.15
C ASP A 490 -27.44 0.03 26.52
N PHE A 491 -26.52 -0.86 26.15
CA PHE A 491 -26.68 -2.28 26.43
C PHE A 491 -25.37 -2.85 26.94
N TRP A 492 -25.46 -3.93 27.70
CA TRP A 492 -24.27 -4.56 28.26
C TRP A 492 -23.85 -5.73 27.37
N TRP A 493 -22.60 -5.69 26.93
CA TRP A 493 -22.01 -6.74 26.12
C TRP A 493 -21.10 -7.59 27.01
N LYS A 494 -21.30 -8.90 26.98
CA LYS A 494 -20.45 -9.82 27.72
C LYS A 494 -19.89 -10.86 26.77
N GLY A 495 -18.58 -11.05 26.83
CA GLY A 495 -17.91 -12.03 25.99
C GLY A 495 -17.02 -12.93 26.81
N LYS A 496 -16.84 -14.15 26.32
CA LYS A 496 -15.99 -15.15 26.95
C LYS A 496 -15.04 -15.70 25.89
N LEU A 497 -13.74 -15.50 26.11
CA LEU A 497 -12.70 -16.00 25.21
C LEU A 497 -11.90 -17.06 25.95
N VAL A 498 -11.88 -18.28 25.40
CA VAL A 498 -11.25 -19.42 26.04
C VAL A 498 -10.00 -19.79 25.26
N PHE A 499 -8.87 -19.84 25.98
CA PHE A 499 -7.59 -20.26 25.45
C PHE A 499 -7.14 -21.52 26.18
N LYS A 500 -6.27 -22.29 25.52
CA LYS A 500 -5.56 -23.39 26.16
C LYS A 500 -4.07 -23.10 26.05
N ALA A 501 -3.36 -23.16 27.18
CA ALA A 501 -1.96 -22.78 27.21
C ALA A 501 -1.15 -23.85 27.93
N LYS A 502 0.14 -23.89 27.62
CA LYS A 502 1.08 -24.84 28.20
C LYS A 502 2.05 -24.10 29.12
N LEU A 503 2.25 -24.63 30.32
CA LEU A 503 3.20 -24.03 31.25
C LEU A 503 4.63 -24.24 30.76
N ARG A 504 5.44 -23.20 30.87
CA ARG A 504 6.82 -23.27 30.40
C ARG A 504 7.67 -24.10 31.37
N ALA A 505 8.79 -24.60 30.86
CA ALA A 505 9.74 -25.37 31.65
C ALA A 505 11.11 -24.72 31.58
N SER A 506 11.89 -24.89 32.65
CA SER A 506 13.24 -24.37 32.72
C SER A 506 14.18 -25.38 32.07
N HIS A 507 14.80 -24.98 30.96
CA HIS A 507 15.67 -25.86 30.20
C HIS A 507 17.15 -25.59 30.41
N THR A 508 17.50 -24.42 30.95
CA THR A 508 18.89 -23.98 31.04
C THR A 508 19.25 -23.65 32.48
N TRP A 509 20.56 -23.60 32.72
CA TRP A 509 21.05 -23.23 34.05
C TRP A 509 20.65 -21.81 34.41
N ASN A 510 20.77 -20.89 33.47
CA ASN A 510 20.51 -19.48 33.71
C ASN A 510 19.02 -19.19 33.74
N PRO A 511 18.61 -18.11 34.41
CA PRO A 511 17.23 -17.66 34.31
C PRO A 511 16.98 -16.96 32.97
N ILE A 512 15.69 -16.76 32.68
CA ILE A 512 15.27 -16.19 31.41
C ILE A 512 14.65 -14.82 31.63
N GLN A 513 14.28 -14.16 30.53
CA GLN A 513 13.68 -12.83 30.61
C GLN A 513 12.22 -12.94 31.03
N GLN A 514 11.84 -12.10 31.99
CA GLN A 514 10.47 -12.07 32.50
C GLN A 514 10.00 -10.63 32.56
N MET A 515 8.69 -10.44 32.42
CA MET A 515 8.11 -9.11 32.53
C MET A 515 7.88 -8.80 34.01
N SER A 516 8.36 -7.65 34.46
CA SER A 516 8.31 -7.28 35.87
C SER A 516 7.97 -5.80 36.00
N ILE A 517 7.31 -5.47 37.11
CA ILE A 517 7.06 -4.08 37.47
C ILE A 517 8.30 -3.53 38.15
N ASN A 518 8.64 -2.28 37.84
CA ASN A 518 9.81 -1.63 38.43
C ASN A 518 9.50 -0.15 38.60
N VAL A 519 10.49 0.58 39.13
CA VAL A 519 10.28 1.99 39.42
C VAL A 519 9.95 2.77 38.16
N ASP A 520 10.58 2.41 37.04
CA ASP A 520 10.37 3.15 35.80
C ASP A 520 8.95 2.99 35.27
N ASN A 521 8.43 1.77 35.27
CA ASN A 521 7.11 1.49 34.74
C ASN A 521 6.06 1.31 35.83
N GLN A 522 6.37 1.68 37.07
CA GLN A 522 5.48 1.39 38.19
C GLN A 522 4.13 2.05 38.01
N PHE A 523 4.10 3.30 37.56
CA PHE A 523 2.88 4.08 37.46
C PHE A 523 2.18 3.94 36.12
N ASN A 524 2.67 3.08 35.23
CA ASN A 524 1.97 2.76 34.01
C ASN A 524 0.81 1.81 34.23
N TYR A 525 0.64 1.27 35.43
CA TYR A 525 -0.35 0.24 35.71
C TYR A 525 -1.34 0.64 36.78
N VAL A 526 -1.26 1.88 37.29
CA VAL A 526 -2.18 2.33 38.33
C VAL A 526 -2.78 3.67 37.90
N PRO A 527 -3.99 4.01 38.37
CA PRO A 527 -4.58 5.30 37.99
C PRO A 527 -3.87 6.46 38.67
N SER A 528 -4.01 7.63 38.06
CA SER A 528 -3.49 8.86 38.64
C SER A 528 -4.45 9.39 39.70
N ASN A 529 -4.14 10.55 40.25
CA ASN A 529 -4.96 11.12 41.32
C ASN A 529 -6.33 11.58 40.84
N ILE A 530 -6.52 11.74 39.52
CA ILE A 530 -7.79 12.15 38.95
C ILE A 530 -8.46 11.02 38.17
N GLY A 531 -7.88 9.81 38.20
CA GLY A 531 -8.47 8.67 37.53
C GLY A 531 -7.91 8.38 36.15
N GLY A 532 -6.86 9.08 35.74
CA GLY A 532 -6.28 8.85 34.43
C GLY A 532 -5.60 7.50 34.33
N MET A 533 -6.09 6.64 33.44
CA MET A 533 -5.53 5.33 33.21
C MET A 533 -4.86 5.25 31.85
N LYS A 534 -3.98 4.26 31.72
CA LYS A 534 -3.34 3.96 30.45
C LYS A 534 -2.97 2.48 30.44
N ILE A 535 -2.76 1.94 29.24
CA ILE A 535 -2.32 0.56 29.06
C ILE A 535 -1.15 0.60 28.09
N VAL A 536 0.06 0.49 28.60
CA VAL A 536 1.24 0.45 27.75
C VAL A 536 1.40 -0.95 27.17
N TYR A 537 2.06 -1.03 26.02
CA TYR A 537 2.22 -2.30 25.36
C TYR A 537 3.20 -3.19 26.13
N GLU A 538 3.01 -4.51 25.98
CA GLU A 538 3.87 -5.49 26.60
C GLU A 538 4.33 -6.49 25.55
N LYS A 539 5.57 -6.96 25.69
CA LYS A 539 6.08 -7.99 24.79
C LYS A 539 5.64 -9.37 25.27
N SER A 540 5.43 -10.27 24.31
CA SER A 540 4.85 -11.58 24.58
C SER A 540 5.88 -12.70 24.57
N GLN A 541 6.72 -12.77 23.54
CA GLN A 541 7.69 -13.86 23.41
C GLN A 541 8.99 -13.51 24.14
N LEU A 542 8.91 -13.64 25.46
CA LEU A 542 10.02 -13.22 26.32
C LEU A 542 11.07 -14.32 26.45
N ALA A 543 10.63 -15.54 26.74
CA ALA A 543 11.57 -16.64 26.95
C ALA A 543 12.14 -17.12 25.61
N PRO A 544 13.39 -17.56 25.59
CA PRO A 544 13.96 -18.08 24.35
C PRO A 544 13.78 -19.59 24.20
N ARG A 545 13.79 -20.02 22.94
CA ARG A 545 13.78 -21.44 22.62
C ARG A 545 14.81 -21.71 21.54
N LYS A 546 15.35 -22.93 21.54
CA LYS A 546 16.38 -23.30 20.59
C LYS A 546 15.74 -23.65 19.25
N LEU A 547 16.25 -23.02 18.18
CA LEU A 547 15.74 -23.30 16.84
C LEU A 547 16.26 -24.63 16.30
N TYR A 548 17.49 -24.97 16.64
CA TYR A 548 18.15 -26.16 16.09
C TYR A 548 18.96 -26.87 17.16
N GLU B 1 7.04 -1.09 -43.98
CA GLU B 1 6.04 -1.88 -43.25
C GLU B 1 4.96 -0.98 -42.68
N VAL B 2 5.28 -0.30 -41.58
CA VAL B 2 4.34 0.60 -40.93
C VAL B 2 4.23 1.88 -41.76
N GLN B 3 3.05 2.14 -42.28
CA GLN B 3 2.80 3.31 -43.13
C GLN B 3 1.57 4.05 -42.64
N LEU B 4 1.67 5.38 -42.60
CA LEU B 4 0.57 6.25 -42.24
C LEU B 4 0.38 7.29 -43.33
N VAL B 5 -0.85 7.45 -43.80
CA VAL B 5 -1.17 8.38 -44.87
C VAL B 5 -2.30 9.29 -44.40
N GLU B 6 -2.05 10.59 -44.40
CA GLU B 6 -3.04 11.57 -43.98
C GLU B 6 -3.72 12.20 -45.20
N SER B 7 -4.99 12.56 -45.03
CA SER B 7 -5.76 13.17 -46.09
C SER B 7 -6.86 14.03 -45.48
N GLY B 8 -7.44 14.89 -46.32
CA GLY B 8 -8.48 15.79 -45.89
C GLY B 8 -8.03 17.23 -45.71
N GLY B 9 -6.73 17.49 -45.77
CA GLY B 9 -6.26 18.87 -45.65
C GLY B 9 -6.71 19.70 -46.84
N ASP B 10 -7.32 20.84 -46.56
CA ASP B 10 -7.82 21.71 -47.61
C ASP B 10 -7.96 23.12 -47.06
N LEU B 11 -8.06 24.09 -47.98
CA LEU B 11 -8.29 25.47 -47.58
C LEU B 11 -9.70 25.62 -47.02
N VAL B 12 -9.81 26.28 -45.87
CA VAL B 12 -11.08 26.45 -45.18
C VAL B 12 -11.11 27.84 -44.56
N LYS B 13 -12.28 28.48 -44.61
CA LYS B 13 -12.44 29.80 -44.03
C LYS B 13 -12.46 29.71 -42.51
N PRO B 14 -12.11 30.80 -41.82
CA PRO B 14 -12.12 30.77 -40.36
C PRO B 14 -13.51 30.46 -39.83
N GLY B 15 -13.55 29.72 -38.71
CA GLY B 15 -14.80 29.31 -38.10
C GLY B 15 -15.40 28.04 -38.67
N GLY B 16 -14.79 27.45 -39.69
CA GLY B 16 -15.30 26.24 -40.29
C GLY B 16 -14.84 25.00 -39.55
N SER B 17 -15.12 23.85 -40.16
CA SER B 17 -14.76 22.56 -39.61
C SER B 17 -14.13 21.70 -40.69
N LEU B 18 -13.29 20.76 -40.28
CA LEU B 18 -12.62 19.88 -41.22
C LEU B 18 -12.21 18.60 -40.50
N ARG B 19 -12.32 17.47 -41.18
CA ARG B 19 -11.97 16.17 -40.63
C ARG B 19 -10.80 15.59 -41.40
N LEU B 20 -9.65 15.48 -40.72
CA LEU B 20 -8.49 14.80 -41.29
C LEU B 20 -8.58 13.31 -41.00
N SER B 21 -8.31 12.50 -42.02
CA SER B 21 -8.36 11.05 -41.92
C SER B 21 -6.98 10.48 -42.15
N CYS B 22 -6.56 9.59 -41.25
CA CYS B 22 -5.25 8.96 -41.30
C CYS B 22 -5.43 7.46 -41.45
N VAL B 23 -4.95 6.91 -42.56
CA VAL B 23 -5.02 5.48 -42.84
C VAL B 23 -3.69 4.85 -42.47
N ALA B 24 -3.73 3.79 -41.68
CA ALA B 24 -2.54 3.10 -41.20
C ALA B 24 -2.51 1.69 -41.78
N SER B 25 -1.29 1.21 -42.04
CA SER B 25 -1.08 -0.12 -42.60
C SER B 25 0.23 -0.69 -42.10
N GLY B 26 0.34 -2.01 -42.16
CA GLY B 26 1.54 -2.70 -41.75
C GLY B 26 1.61 -3.05 -40.27
N PHE B 27 0.58 -2.76 -39.50
CA PHE B 27 0.59 -3.05 -38.07
C PHE B 27 -0.85 -3.12 -37.56
N THR B 28 -1.01 -3.72 -36.40
CA THR B 28 -2.32 -3.79 -35.75
C THR B 28 -2.69 -2.40 -35.24
N PHE B 29 -3.67 -1.77 -35.89
CA PHE B 29 -3.97 -0.37 -35.59
C PHE B 29 -4.48 -0.20 -34.17
N SER B 30 -5.33 -1.11 -33.69
CA SER B 30 -5.96 -0.92 -32.39
C SER B 30 -5.00 -1.08 -31.23
N SER B 31 -3.82 -1.68 -31.46
CA SER B 31 -2.90 -1.99 -30.37
C SER B 31 -1.95 -0.85 -30.04
N TYR B 32 -2.00 0.27 -30.76
CA TYR B 32 -1.03 1.35 -30.59
C TYR B 32 -1.76 2.66 -30.33
N ASN B 33 -1.18 3.47 -29.44
CA ASN B 33 -1.70 4.81 -29.20
C ASN B 33 -1.32 5.73 -30.35
N MET B 34 -2.29 6.46 -30.86
CA MET B 34 -2.10 7.33 -32.01
C MET B 34 -2.22 8.79 -31.59
N GLY B 35 -1.87 9.68 -32.50
CA GLY B 35 -1.98 11.09 -32.17
C GLY B 35 -1.81 11.96 -33.40
N TRP B 36 -2.13 13.23 -33.21
CA TRP B 36 -2.00 14.26 -34.23
C TRP B 36 -1.07 15.34 -33.72
N VAL B 37 -0.02 15.63 -34.50
CA VAL B 37 0.87 16.75 -34.25
C VAL B 37 0.67 17.75 -35.37
N ARG B 38 1.10 18.99 -35.15
CA ARG B 38 0.98 19.99 -36.20
C ARG B 38 2.19 20.91 -36.18
N GLN B 39 2.59 21.36 -37.37
CA GLN B 39 3.69 22.30 -37.55
C GLN B 39 3.19 23.47 -38.37
N ALA B 40 3.22 24.66 -37.79
CA ALA B 40 2.81 25.85 -38.51
C ALA B 40 3.84 26.20 -39.57
N PRO B 41 3.42 26.89 -40.64
CA PRO B 41 4.38 27.28 -41.68
C PRO B 41 5.57 28.04 -41.11
N GLY B 42 6.76 27.44 -41.22
CA GLY B 42 7.96 28.06 -40.69
C GLY B 42 8.15 27.94 -39.19
N LYS B 43 7.29 27.18 -38.51
CA LYS B 43 7.37 27.01 -37.07
C LYS B 43 7.74 25.57 -36.72
N GLY B 44 7.93 25.33 -35.43
CA GLY B 44 8.27 24.00 -34.96
C GLY B 44 7.07 23.11 -34.74
N LEU B 45 7.36 21.86 -34.41
CA LEU B 45 6.31 20.87 -34.16
C LEU B 45 5.54 21.22 -32.89
N GLN B 46 4.23 20.99 -32.93
CA GLN B 46 3.37 21.21 -31.77
C GLN B 46 2.42 20.04 -31.63
N TRP B 47 2.38 19.43 -30.45
CA TRP B 47 1.46 18.33 -30.20
C TRP B 47 0.02 18.83 -30.15
N VAL B 48 -0.87 18.15 -30.85
CA VAL B 48 -2.27 18.54 -30.96
C VAL B 48 -3.17 17.64 -30.13
N ALA B 49 -3.20 16.35 -30.43
CA ALA B 49 -4.11 15.45 -29.76
C ALA B 49 -3.50 14.06 -29.65
N TRP B 50 -3.99 13.28 -28.68
CA TRP B 50 -3.54 11.93 -28.45
C TRP B 50 -4.72 11.04 -28.11
N ILE B 51 -4.75 9.83 -28.67
CA ILE B 51 -5.73 8.82 -28.35
C ILE B 51 -4.99 7.56 -27.92
N TYR B 52 -5.38 7.00 -26.77
CA TYR B 52 -4.63 5.93 -26.14
C TYR B 52 -5.60 4.95 -25.48
N GLY B 53 -5.11 3.73 -25.29
CA GLY B 53 -5.84 2.71 -24.57
C GLY B 53 -6.87 2.00 -25.42
N SER B 54 -7.29 0.83 -24.93
CA SER B 54 -8.37 0.10 -25.60
C SER B 54 -9.71 0.81 -25.45
N ARG B 55 -9.84 1.68 -24.46
CA ARG B 55 -11.07 2.45 -24.27
C ARG B 55 -11.09 3.74 -25.07
N SER B 56 -10.04 4.01 -25.86
CA SER B 56 -9.99 5.18 -26.72
C SER B 56 -10.08 6.48 -25.92
N SER B 57 -9.33 6.54 -24.82
CA SER B 57 -9.24 7.78 -24.06
C SER B 57 -8.50 8.83 -24.89
N THR B 58 -8.92 10.08 -24.75
CA THR B 58 -8.41 11.16 -25.58
C THR B 58 -7.91 12.30 -24.72
N ASN B 59 -6.79 12.90 -25.13
CA ASN B 59 -6.24 14.10 -24.51
C ASN B 59 -5.93 15.10 -25.60
N TYR B 60 -6.09 16.38 -25.27
CA TYR B 60 -5.90 17.46 -26.22
C TYR B 60 -5.02 18.55 -25.63
N ALA B 61 -4.30 19.24 -26.51
CA ALA B 61 -3.53 20.40 -26.09
C ALA B 61 -4.48 21.55 -25.76
N ASP B 62 -3.98 22.48 -24.93
CA ASP B 62 -4.81 23.62 -24.52
C ASP B 62 -5.25 24.46 -25.72
N ALA B 63 -4.42 24.51 -26.77
CA ALA B 63 -4.74 25.34 -27.92
C ALA B 63 -5.91 24.80 -28.74
N VAL B 64 -6.28 23.53 -28.56
CA VAL B 64 -7.35 22.91 -29.32
C VAL B 64 -8.42 22.26 -28.46
N LYS B 65 -8.37 22.44 -27.15
CA LYS B 65 -9.37 21.85 -26.28
C LYS B 65 -10.74 22.46 -26.55
N GLY B 66 -11.76 21.60 -26.63
CA GLY B 66 -13.11 22.05 -26.90
C GLY B 66 -13.41 22.22 -28.38
N ARG B 67 -12.37 22.44 -29.18
CA ARG B 67 -12.53 22.63 -30.62
C ARG B 67 -12.17 21.39 -31.43
N PHE B 68 -11.22 20.60 -30.97
CA PHE B 68 -10.77 19.42 -31.70
C PHE B 68 -11.25 18.15 -31.03
N THR B 69 -11.53 17.14 -31.84
CA THR B 69 -11.95 15.83 -31.36
C THR B 69 -11.13 14.77 -32.10
N ILE B 70 -10.43 13.93 -31.33
CA ILE B 70 -9.62 12.85 -31.88
C ILE B 70 -10.37 11.54 -31.63
N SER B 71 -10.52 10.74 -32.68
CA SER B 71 -11.21 9.46 -32.59
C SER B 71 -10.49 8.45 -33.47
N ARG B 72 -10.88 7.18 -33.34
CA ARG B 72 -10.28 6.14 -34.14
C ARG B 72 -11.32 5.07 -34.45
N ASP B 73 -11.19 4.47 -35.64
CA ASP B 73 -11.99 3.32 -36.05
C ASP B 73 -11.01 2.20 -36.39
N ASN B 74 -10.94 1.19 -35.51
CA ASN B 74 -10.00 0.10 -35.71
C ASN B 74 -10.43 -0.84 -36.82
N ALA B 75 -11.73 -0.90 -37.13
CA ALA B 75 -12.19 -1.72 -38.24
C ALA B 75 -11.64 -1.19 -39.57
N LYS B 76 -11.61 0.12 -39.74
CA LYS B 76 -11.05 0.75 -40.92
C LYS B 76 -9.58 1.12 -40.76
N ASN B 77 -9.01 0.89 -39.57
CA ASN B 77 -7.62 1.26 -39.29
C ASN B 77 -7.40 2.75 -39.55
N THR B 78 -8.36 3.56 -39.14
CA THR B 78 -8.35 4.99 -39.45
C THR B 78 -8.36 5.82 -38.17
N LEU B 79 -7.70 6.97 -38.24
CA LEU B 79 -7.67 7.94 -37.15
C LEU B 79 -8.28 9.24 -37.67
N TYR B 80 -9.26 9.77 -36.94
CA TYR B 80 -10.01 10.95 -37.35
C TYR B 80 -9.70 12.11 -36.43
N LEU B 81 -9.42 13.27 -37.02
CA LEU B 81 -9.25 14.52 -36.28
C LEU B 81 -10.27 15.52 -36.81
N GLN B 82 -11.29 15.80 -36.02
CA GLN B 82 -12.35 16.74 -36.40
C GLN B 82 -12.11 18.07 -35.71
N MET B 83 -11.85 19.11 -36.49
CA MET B 83 -11.62 20.46 -35.97
C MET B 83 -12.84 21.32 -36.27
N ASN B 84 -13.36 21.97 -35.24
CA ASN B 84 -14.47 22.90 -35.36
C ASN B 84 -14.02 24.29 -34.91
N SER B 85 -14.67 25.32 -35.44
CA SER B 85 -14.32 26.70 -35.15
C SER B 85 -12.85 26.97 -35.49
N LEU B 86 -12.45 26.54 -36.68
CA LEU B 86 -11.07 26.68 -37.10
C LEU B 86 -10.67 28.15 -37.13
N ARG B 87 -9.44 28.42 -36.69
CA ARG B 87 -8.88 29.76 -36.66
C ARG B 87 -7.71 29.86 -37.62
N ALA B 88 -7.28 31.10 -37.87
CA ALA B 88 -6.10 31.31 -38.71
C ALA B 88 -4.86 30.70 -38.07
N GLU B 89 -4.82 30.63 -36.74
CA GLU B 89 -3.69 30.02 -36.04
C GLU B 89 -3.64 28.51 -36.21
N ASP B 90 -4.69 27.89 -36.75
CA ASP B 90 -4.69 26.45 -36.99
C ASP B 90 -4.10 26.08 -38.35
N THR B 91 -3.73 27.05 -39.17
CA THR B 91 -3.15 26.77 -40.47
C THR B 91 -1.77 26.14 -40.28
N ALA B 92 -1.62 24.90 -40.76
CA ALA B 92 -0.35 24.19 -40.60
C ALA B 92 -0.39 22.82 -41.26
N VAL B 93 0.74 22.13 -41.26
CA VAL B 93 0.81 20.75 -41.72
C VAL B 93 0.57 19.83 -40.53
N TYR B 94 -0.42 18.98 -40.64
CA TYR B 94 -0.79 18.05 -39.57
C TYR B 94 -0.23 16.67 -39.88
N TYR B 95 0.54 16.13 -38.93
CA TYR B 95 1.20 14.84 -39.07
C TYR B 95 0.53 13.82 -38.17
N CYS B 96 0.21 12.67 -38.76
CA CYS B 96 -0.15 11.49 -37.99
C CYS B 96 1.07 10.97 -37.25
N ALA B 97 0.86 10.58 -35.99
CA ALA B 97 1.94 10.05 -35.16
C ALA B 97 1.48 8.74 -34.53
N ARG B 98 2.35 7.74 -34.56
CA ARG B 98 2.08 6.44 -33.98
C ARG B 98 3.17 6.11 -32.98
N ASP B 99 2.76 5.70 -31.78
CA ASP B 99 3.66 5.26 -30.73
C ASP B 99 3.95 3.78 -30.91
N GLY B 100 5.22 3.41 -30.89
CA GLY B 100 5.61 2.03 -31.18
C GLY B 100 5.47 1.07 -30.02
N GLY B 101 5.20 1.55 -28.82
CA GLY B 101 5.08 0.67 -27.67
C GLY B 101 3.64 0.32 -27.33
N SER B 102 3.21 -0.89 -27.71
CA SER B 102 1.82 -1.28 -27.44
C SER B 102 1.60 -1.58 -25.97
N PRO B 103 2.26 -2.58 -25.37
CA PRO B 103 2.08 -2.82 -23.93
C PRO B 103 2.91 -1.90 -23.06
N ALA B 104 4.00 -1.35 -23.58
CA ALA B 104 4.85 -0.40 -22.85
C ALA B 104 5.12 0.76 -23.81
N ALA B 105 4.30 1.79 -23.72
CA ALA B 105 4.38 2.89 -24.67
C ALA B 105 5.72 3.59 -24.58
N TYR B 106 6.27 3.96 -25.73
CA TYR B 106 7.47 4.77 -25.76
C TYR B 106 7.21 6.19 -25.30
N TYR B 107 5.95 6.62 -25.29
CA TYR B 107 5.59 8.00 -24.99
C TYR B 107 6.33 8.95 -25.92
N GLY B 108 6.41 8.56 -27.19
CA GLY B 108 7.03 9.37 -28.21
C GLY B 108 6.60 8.88 -29.57
N MET B 109 6.68 9.78 -30.55
CA MET B 109 6.19 9.47 -31.89
C MET B 109 7.17 8.54 -32.60
N ASP B 110 6.80 7.25 -32.65
CA ASP B 110 7.63 6.24 -33.33
C ASP B 110 7.56 6.37 -34.84
N TYR B 111 6.37 6.59 -35.39
CA TYR B 111 6.18 6.70 -36.83
C TYR B 111 5.39 7.96 -37.16
N TRP B 112 5.71 8.56 -38.30
CA TRP B 112 5.07 9.77 -38.77
C TRP B 112 4.54 9.56 -40.19
N GLY B 113 3.44 10.22 -40.50
CA GLY B 113 2.92 10.24 -41.85
C GLY B 113 3.46 11.41 -42.64
N PRO B 114 3.18 11.40 -43.94
CA PRO B 114 3.61 12.53 -44.79
C PRO B 114 3.03 13.86 -44.38
N GLY B 115 1.86 13.87 -43.75
CA GLY B 115 1.24 15.11 -43.31
C GLY B 115 0.29 15.68 -44.35
N THR B 116 -0.72 16.40 -43.85
CA THR B 116 -1.70 17.07 -44.69
C THR B 116 -1.76 18.53 -44.32
N SER B 117 -1.70 19.41 -45.32
CA SER B 117 -1.68 20.84 -45.09
C SER B 117 -3.11 21.36 -44.96
N LEU B 118 -3.33 22.22 -43.96
CA LEU B 118 -4.62 22.87 -43.74
C LEU B 118 -4.39 24.38 -43.71
N PHE B 119 -5.08 25.10 -44.59
CA PHE B 119 -4.99 26.55 -44.69
C PHE B 119 -6.30 27.16 -44.23
N VAL B 120 -6.23 28.05 -43.26
CA VAL B 120 -7.39 28.77 -42.76
C VAL B 120 -7.20 30.24 -43.12
N SER B 121 -8.02 30.74 -44.04
CA SER B 121 -7.91 32.12 -44.48
C SER B 121 -9.27 32.59 -44.98
N SER B 122 -9.58 33.85 -44.73
CA SER B 122 -10.84 34.44 -45.17
C SER B 122 -10.75 34.88 -46.62
N GLN C 1 2.72 27.30 -18.13
CA GLN C 1 2.74 26.44 -19.30
C GLN C 1 4.14 25.86 -19.52
N THR C 2 4.20 24.58 -19.88
CA THR C 2 5.49 23.94 -20.12
C THR C 2 6.12 24.47 -21.39
N VAL C 3 7.41 24.82 -21.30
CA VAL C 3 8.17 25.33 -22.44
C VAL C 3 9.47 24.53 -22.54
N VAL C 4 9.72 23.96 -23.72
CA VAL C 4 10.94 23.20 -23.98
C VAL C 4 11.92 24.09 -24.74
N THR C 5 13.12 24.24 -24.20
CA THR C 5 14.13 25.12 -24.77
C THR C 5 15.28 24.28 -25.31
N GLN C 6 15.67 24.57 -26.55
CA GLN C 6 16.84 23.94 -27.16
C GLN C 6 17.51 24.97 -28.06
N GLU C 7 18.77 24.71 -28.39
CA GLU C 7 19.55 25.68 -29.14
C GLU C 7 18.87 25.99 -30.47
N PRO C 8 18.58 27.26 -30.77
CA PRO C 8 17.92 27.57 -32.05
C PRO C 8 18.71 27.12 -33.26
N SER C 9 20.04 27.20 -33.21
CA SER C 9 20.88 26.80 -34.32
C SER C 9 22.17 26.22 -33.79
N LEU C 10 22.73 25.28 -34.55
CA LEU C 10 23.98 24.63 -34.18
C LEU C 10 24.73 24.26 -35.45
N SER C 11 26.04 24.14 -35.33
CA SER C 11 26.91 23.83 -36.45
C SER C 11 27.91 22.76 -36.07
N VAL C 12 28.33 21.97 -37.06
CA VAL C 12 29.31 20.92 -36.86
C VAL C 12 30.03 20.66 -38.18
N SER C 13 31.34 20.44 -38.10
CA SER C 13 32.11 20.11 -39.29
C SER C 13 31.93 18.64 -39.64
N PRO C 14 32.09 18.28 -40.92
CA PRO C 14 31.94 16.88 -41.31
C PRO C 14 32.90 15.99 -40.52
N GLY C 15 32.37 14.86 -40.04
CA GLY C 15 33.15 13.95 -39.24
C GLY C 15 33.33 14.36 -37.79
N GLY C 16 32.77 15.50 -37.38
CA GLY C 16 32.90 15.97 -36.02
C GLY C 16 31.80 15.46 -35.11
N THR C 17 31.83 15.93 -33.87
CA THR C 17 30.85 15.56 -32.86
C THR C 17 30.09 16.80 -32.41
N VAL C 18 28.76 16.70 -32.38
CA VAL C 18 27.89 17.79 -31.97
C VAL C 18 26.88 17.25 -30.98
N THR C 19 26.40 18.12 -30.08
CA THR C 19 25.43 17.74 -29.07
C THR C 19 24.31 18.76 -29.05
N LEU C 20 23.08 18.31 -29.28
CA LEU C 20 21.89 19.14 -29.18
C LEU C 20 21.22 18.88 -27.83
N THR C 21 20.86 19.94 -27.13
CA THR C 21 20.35 19.86 -25.77
C THR C 21 18.89 20.30 -25.72
N CYS C 22 18.14 19.69 -24.82
CA CYS C 22 16.70 19.93 -24.68
C CYS C 22 16.38 20.01 -23.19
N GLY C 23 16.02 21.21 -22.72
CA GLY C 23 15.71 21.42 -21.32
C GLY C 23 14.33 22.03 -21.14
N LEU C 24 13.96 22.18 -19.86
CA LEU C 24 12.70 22.78 -19.47
C LEU C 24 12.96 24.08 -18.74
N SER C 25 12.22 25.12 -19.11
CA SER C 25 12.38 26.41 -18.45
C SER C 25 12.21 26.29 -16.93
N SER C 26 11.23 25.49 -16.50
CA SER C 26 11.03 25.17 -15.10
C SER C 26 11.03 23.67 -14.94
N GLY C 27 11.92 23.15 -14.10
CA GLY C 27 12.06 21.72 -13.90
C GLY C 27 13.25 21.15 -14.63
N SER C 28 13.37 19.83 -14.53
CA SER C 28 14.47 19.10 -15.14
C SER C 28 13.93 17.94 -15.96
N VAL C 29 14.71 17.52 -16.96
CA VAL C 29 14.35 16.42 -17.84
C VAL C 29 14.97 15.15 -17.31
N SER C 30 14.17 14.09 -17.21
CA SER C 30 14.61 12.80 -16.72
C SER C 30 14.09 11.70 -17.66
N THR C 31 14.45 10.45 -17.35
CA THR C 31 13.96 9.34 -18.15
C THR C 31 12.45 9.17 -18.02
N SER C 32 11.83 9.78 -17.01
CA SER C 32 10.38 9.76 -16.90
C SER C 32 9.71 10.64 -17.93
N ASN C 33 10.46 11.54 -18.56
CA ASN C 33 9.92 12.38 -19.62
C ASN C 33 9.97 11.71 -20.98
N TYR C 34 10.60 10.54 -21.08
CA TYR C 34 10.75 9.82 -22.34
C TYR C 34 11.16 10.75 -23.48
N PRO C 35 12.29 11.45 -23.34
CA PRO C 35 12.71 12.37 -24.40
C PRO C 35 12.82 11.65 -25.75
N GLY C 36 12.24 12.27 -26.77
CA GLY C 36 12.32 11.75 -28.12
C GLY C 36 12.95 12.79 -29.03
N TRP C 37 13.74 12.32 -30.00
CA TRP C 37 14.42 13.19 -30.94
C TRP C 37 14.00 12.80 -32.35
N TYR C 38 13.56 13.80 -33.13
CA TYR C 38 13.07 13.59 -34.47
C TYR C 38 13.81 14.51 -35.43
N GLN C 39 14.13 13.99 -36.61
CA GLN C 39 14.86 14.72 -37.63
C GLN C 39 13.94 15.07 -38.79
N GLN C 40 13.99 16.33 -39.24
CA GLN C 40 13.17 16.80 -40.34
C GLN C 40 14.04 17.49 -41.38
N THR C 41 13.90 17.08 -42.63
CA THR C 41 14.56 17.75 -43.74
C THR C 41 13.58 18.69 -44.43
N LEU C 42 14.12 19.61 -45.22
CA LEU C 42 13.30 20.58 -45.91
C LEU C 42 12.27 19.88 -46.79
N GLY C 43 10.99 20.24 -46.61
CA GLY C 43 9.93 19.68 -47.40
C GLY C 43 9.65 18.21 -47.16
N ARG C 44 9.98 17.70 -45.96
CA ARG C 44 9.75 16.30 -45.64
C ARG C 44 9.23 16.19 -44.21
N ALA C 45 8.53 15.08 -43.95
CA ALA C 45 7.97 14.84 -42.64
C ALA C 45 9.06 14.49 -41.64
N PRO C 46 8.79 14.68 -40.35
CA PRO C 46 9.80 14.37 -39.33
C PRO C 46 10.15 12.89 -39.31
N ARG C 47 11.40 12.60 -38.98
CA ARG C 47 11.88 11.23 -38.83
C ARG C 47 12.32 11.02 -37.39
N THR C 48 11.87 9.91 -36.80
CA THR C 48 12.21 9.60 -35.41
C THR C 48 13.65 9.11 -35.34
N ILE C 49 14.47 9.82 -34.56
CA ILE C 49 15.87 9.45 -34.36
C ILE C 49 16.06 8.67 -33.06
N ILE C 50 15.45 9.13 -31.98
CA ILE C 50 15.61 8.53 -30.66
C ILE C 50 14.27 8.51 -29.94
N TYR C 51 14.01 7.42 -29.22
CA TYR C 51 12.85 7.35 -28.34
C TYR C 51 13.27 6.71 -27.01
N ARG C 52 12.54 7.07 -25.95
CA ARG C 52 12.85 6.62 -24.59
C ARG C 52 14.25 7.06 -24.16
N THR C 53 14.74 8.15 -24.75
CA THR C 53 15.97 8.81 -24.34
C THR C 53 17.23 8.04 -24.76
N SER C 54 17.07 6.80 -25.22
CA SER C 54 18.23 6.03 -25.66
C SER C 54 18.00 5.18 -26.90
N SER C 55 16.75 4.93 -27.30
CA SER C 55 16.46 3.93 -28.32
C SER C 55 16.30 4.59 -29.67
N ARG C 56 17.12 4.18 -30.62
CA ARG C 56 17.00 4.66 -32.00
C ARG C 56 16.26 3.64 -32.84
N PRO C 57 15.27 4.05 -33.63
CA PRO C 57 14.53 3.09 -34.45
C PRO C 57 15.44 2.40 -35.45
N SER C 58 15.06 1.18 -35.83
CA SER C 58 15.85 0.42 -36.79
C SER C 58 16.05 1.21 -38.06
N GLY C 59 17.29 1.21 -38.55
CA GLY C 59 17.67 2.02 -39.69
C GLY C 59 18.30 3.35 -39.35
N VAL C 60 18.24 3.76 -38.09
CA VAL C 60 18.88 5.00 -37.66
C VAL C 60 20.37 4.74 -37.42
N PRO C 61 21.27 5.50 -38.02
CA PRO C 61 22.71 5.23 -37.86
C PRO C 61 23.12 5.33 -36.40
N ASN C 62 24.14 4.54 -36.04
CA ASN C 62 24.63 4.52 -34.67
C ASN C 62 25.30 5.82 -34.25
N ARG C 63 25.59 6.72 -35.20
CA ARG C 63 26.20 7.99 -34.85
C ARG C 63 25.26 8.88 -34.04
N PHE C 64 23.97 8.54 -33.99
CA PHE C 64 23.01 9.26 -33.17
C PHE C 64 22.86 8.54 -31.84
N SER C 65 23.11 9.26 -30.75
CA SER C 65 23.02 8.68 -29.41
C SER C 65 22.19 9.60 -28.52
N GLY C 66 21.21 9.03 -27.83
CA GLY C 66 20.39 9.78 -26.90
C GLY C 66 20.82 9.49 -25.46
N SER C 67 20.76 10.52 -24.63
CA SER C 67 21.13 10.36 -23.22
C SER C 67 20.47 11.48 -22.42
N ILE C 68 20.64 11.41 -21.10
CA ILE C 68 20.21 12.45 -20.18
C ILE C 68 21.46 13.06 -19.57
N SER C 69 21.72 14.32 -19.90
CA SER C 69 22.87 15.05 -19.38
C SER C 69 22.39 16.15 -18.47
N GLY C 70 22.93 16.20 -17.26
CA GLY C 70 22.46 17.18 -16.30
C GLY C 70 20.96 17.05 -16.08
N ASN C 71 20.25 18.15 -16.25
CA ASN C 71 18.79 18.18 -16.15
C ASN C 71 18.13 18.30 -17.51
N LYS C 72 18.76 17.81 -18.56
CA LYS C 72 18.25 17.95 -19.91
C LYS C 72 18.51 16.67 -20.70
N ALA C 73 17.84 16.56 -21.84
CA ALA C 73 18.07 15.48 -22.78
C ALA C 73 19.12 15.90 -23.81
N ALA C 74 19.98 14.97 -24.20
CA ALA C 74 21.07 15.25 -25.10
C ALA C 74 21.04 14.27 -26.27
N LEU C 75 21.15 14.81 -27.48
CA LEU C 75 21.30 14.03 -28.70
C LEU C 75 22.68 14.33 -29.28
N THR C 76 23.55 13.33 -29.26
CA THR C 76 24.91 13.48 -29.74
C THR C 76 25.06 12.80 -31.10
N ILE C 77 25.57 13.56 -32.06
CA ILE C 77 25.90 13.03 -33.38
C ILE C 77 27.42 13.03 -33.49
N THR C 78 27.99 11.83 -33.63
CA THR C 78 29.43 11.64 -33.76
C THR C 78 29.76 11.26 -35.20
N GLY C 79 30.77 11.90 -35.76
CA GLY C 79 31.10 11.69 -37.17
C GLY C 79 29.96 12.17 -38.05
N ALA C 80 29.47 13.37 -37.77
CA ALA C 80 28.30 13.89 -38.49
C ALA C 80 28.55 13.90 -39.99
N GLN C 81 27.57 13.42 -40.74
CA GLN C 81 27.62 13.35 -42.19
C GLN C 81 26.84 14.51 -42.80
N PRO C 82 27.05 14.77 -44.10
CA PRO C 82 26.31 15.88 -44.73
C PRO C 82 24.81 15.72 -44.65
N GLU C 83 24.29 14.48 -44.66
CA GLU C 83 22.85 14.27 -44.62
C GLU C 83 22.25 14.53 -43.24
N ASP C 84 23.08 14.75 -42.23
CA ASP C 84 22.56 15.02 -40.88
C ASP C 84 22.15 16.47 -40.69
N GLU C 85 22.39 17.33 -41.67
CA GLU C 85 21.95 18.73 -41.59
C GLU C 85 20.44 18.80 -41.74
N ALA C 86 19.75 19.19 -40.68
CA ALA C 86 18.29 19.22 -40.68
C ALA C 86 17.82 19.89 -39.41
N ASP C 87 16.50 19.96 -39.24
CA ASP C 87 15.90 20.47 -38.01
C ASP C 87 15.63 19.30 -37.07
N TYR C 88 16.22 19.36 -35.88
CA TYR C 88 16.04 18.32 -34.88
C TYR C 88 15.09 18.83 -33.80
N TYR C 89 14.02 18.10 -33.57
CA TYR C 89 12.98 18.47 -32.62
C TYR C 89 12.96 17.49 -31.45
N CYS C 90 12.79 18.04 -30.26
CA CYS C 90 12.77 17.27 -29.02
C CYS C 90 11.36 17.25 -28.45
N SER C 91 10.90 16.06 -28.08
CA SER C 91 9.59 15.86 -27.49
C SER C 91 9.76 15.35 -26.07
N LEU C 92 9.05 15.97 -25.14
CA LEU C 92 9.05 15.58 -23.74
C LEU C 92 7.67 15.12 -23.34
N TYR C 93 7.61 13.98 -22.66
CA TYR C 93 6.36 13.48 -22.09
C TYR C 93 6.12 14.18 -20.76
N MET C 94 5.11 15.04 -20.73
CA MET C 94 4.87 15.91 -19.58
C MET C 94 3.92 15.30 -18.56
N GLY C 95 3.87 13.97 -18.48
CA GLY C 95 3.00 13.30 -17.54
C GLY C 95 1.58 13.16 -18.06
N SER C 96 0.78 12.39 -17.32
CA SER C 96 -0.57 12.05 -17.75
C SER C 96 -0.51 11.48 -19.15
N TYR C 97 -1.06 12.20 -20.13
CA TYR C 97 -0.90 11.85 -21.54
C TYR C 97 -0.67 13.11 -22.37
N THR C 98 0.13 14.03 -21.84
CA THR C 98 0.43 15.30 -22.48
C THR C 98 1.86 15.25 -23.02
N TYR C 99 2.02 15.74 -24.24
CA TYR C 99 3.32 15.82 -24.90
C TYR C 99 3.64 17.27 -25.22
N VAL C 100 4.93 17.63 -25.12
CA VAL C 100 5.39 18.97 -25.47
C VAL C 100 6.55 18.83 -26.44
N PHE C 101 6.71 19.82 -27.30
CA PHE C 101 7.75 19.80 -28.32
C PHE C 101 8.65 21.03 -28.15
N GLY C 102 9.94 20.83 -28.37
CA GLY C 102 10.89 21.92 -28.29
C GLY C 102 10.82 22.82 -29.51
N SER C 103 11.49 23.98 -29.39
CA SER C 103 11.51 24.93 -30.49
C SER C 103 12.20 24.38 -31.72
N GLY C 104 13.13 23.46 -31.55
CA GLY C 104 13.87 22.88 -32.66
C GLY C 104 15.25 23.49 -32.82
N THR C 105 16.18 22.67 -33.31
CA THR C 105 17.55 23.11 -33.53
C THR C 105 17.93 22.83 -34.98
N GLN C 106 18.39 23.86 -35.68
CA GLN C 106 18.78 23.74 -37.08
C GLN C 106 20.27 23.39 -37.12
N LEU C 107 20.57 22.12 -37.38
CA LEU C 107 21.96 21.66 -37.42
C LEU C 107 22.43 21.66 -38.87
N THR C 108 23.49 22.42 -39.15
CA THR C 108 24.07 22.53 -40.48
C THR C 108 25.46 21.93 -40.46
N VAL C 109 25.74 21.04 -41.41
CA VAL C 109 27.05 20.42 -41.54
C VAL C 109 27.89 21.28 -42.47
N LEU C 110 28.98 21.82 -41.95
CA LEU C 110 29.83 22.72 -42.72
C LEU C 110 30.52 21.99 -43.86
#